data_219D
# 
_entry.id   219D 
# 
_audit_conform.dict_name       mmcif_pdbx.dic 
_audit_conform.dict_version    5.392 
_audit_conform.dict_location   http://mmcif.pdb.org/dictionaries/ascii/mmcif_pdbx.dic 
# 
loop_
_database_2.database_id 
_database_2.database_code 
_database_2.pdbx_database_accession 
_database_2.pdbx_DOI 
PDB   219D         pdb_0000219d 10.2210/pdb219d/pdb 
WWPDB D_1000177585 ?            ?                   
# 
loop_
_pdbx_audit_revision_history.ordinal 
_pdbx_audit_revision_history.data_content_type 
_pdbx_audit_revision_history.major_revision 
_pdbx_audit_revision_history.minor_revision 
_pdbx_audit_revision_history.revision_date 
1 'Structure model' 1 0 1995-10-15 
2 'Structure model' 1 1 2008-03-28 
3 'Structure model' 1 2 2011-07-13 
4 'Structure model' 1 3 2022-03-09 
5 'Structure model' 1 4 2024-05-22 
# 
_pdbx_audit_revision_details.ordinal             1 
_pdbx_audit_revision_details.revision_ordinal    1 
_pdbx_audit_revision_details.data_content_type   'Structure model' 
_pdbx_audit_revision_details.provider            repository 
_pdbx_audit_revision_details.type                'Initial release' 
_pdbx_audit_revision_details.description         ? 
_pdbx_audit_revision_details.details             ? 
# 
loop_
_pdbx_audit_revision_group.ordinal 
_pdbx_audit_revision_group.revision_ordinal 
_pdbx_audit_revision_group.data_content_type 
_pdbx_audit_revision_group.group 
1 2 'Structure model' 'Version format compliance' 
2 3 'Structure model' 'Version format compliance' 
3 4 'Structure model' 'Database references'       
4 4 'Structure model' 'Derived calculations'      
5 4 'Structure model' Other                       
6 5 'Structure model' 'Data collection'           
# 
loop_
_pdbx_audit_revision_category.ordinal 
_pdbx_audit_revision_category.revision_ordinal 
_pdbx_audit_revision_category.data_content_type 
_pdbx_audit_revision_category.category 
1 4 'Structure model' database_2            
2 4 'Structure model' pdbx_database_status  
3 4 'Structure model' pdbx_struct_assembly  
4 4 'Structure model' pdbx_struct_oper_list 
5 4 'Structure model' struct_conn           
6 5 'Structure model' chem_comp_atom        
7 5 'Structure model' chem_comp_bond        
# 
loop_
_pdbx_audit_revision_item.ordinal 
_pdbx_audit_revision_item.revision_ordinal 
_pdbx_audit_revision_item.data_content_type 
_pdbx_audit_revision_item.item 
1 4 'Structure model' '_database_2.pdbx_DOI'                
2 4 'Structure model' '_database_2.pdbx_database_accession' 
3 4 'Structure model' '_pdbx_database_status.process_site'  
4 4 'Structure model' '_struct_conn.pdbx_leaving_atom_flag' 
# 
_pdbx_database_status.status_code                     REL 
_pdbx_database_status.entry_id                        219D 
_pdbx_database_status.recvd_initial_deposition_date   1995-07-25 
_pdbx_database_status.deposit_site                    ? 
_pdbx_database_status.process_site                    BNL 
_pdbx_database_status.SG_entry                        . 
_pdbx_database_status.pdb_format_compatible           Y 
_pdbx_database_status.status_code_mr                  ? 
_pdbx_database_status.status_code_sf                  ? 
_pdbx_database_status.status_code_cs                  ? 
_pdbx_database_status.status_code_nmr_data            ? 
_pdbx_database_status.methods_development_category    ? 
# 
loop_
_audit_author.name 
_audit_author.pdbx_ordinal 
'Gonzalez, C.' 1 
'James, T.L.'  2 
# 
loop_
_citation.id 
_citation.title 
_citation.journal_abbrev 
_citation.journal_volume 
_citation.page_first 
_citation.page_last 
_citation.year 
_citation.journal_id_ASTM 
_citation.country 
_citation.journal_id_ISSN 
_citation.journal_id_CSD 
_citation.book_publisher 
_citation.pdbx_database_id_PubMed 
_citation.pdbx_database_id_DOI 
primary 
;Structure and dynamics of a DNA.RNA hybrid duplex with a chiral phosphorothioate moiety: NMR and molecular dynamics with conventional and time-averaged restraints.
;
Biochemistry 34 4969  4982 1995 BICHAW US 0006-2960 0033 ? 7711019 10.1021/bi00015a008 
1       
;Structural Study of a DNA(Dot)RNA Hybrid Duplex with a Chiral Phosphorothioate Moiety by NMR: Extraction of Distance and Torsion Angle Constraints and Imino Proton Exchange Rates
;
Biochemistry 33 11062 ?    1994 BICHAW US 0006-2960 0033 ? ?       ?                   
# 
loop_
_citation_author.citation_id 
_citation_author.name 
_citation_author.ordinal 
_citation_author.identifier_ORCID 
primary 'Gonzalez, C.'   1  ? 
primary 'Stec, W.'       2  ? 
primary 'Reynolds, M.A.' 3  ? 
primary 'James, T.L.'    4  ? 
1       'Gonzalez, C.'   5  ? 
1       'Stec, W.'       6  ? 
1       'Kobylanska, A.' 7  ? 
1       'Hogrefe, R.I.'  8  ? 
1       'Reynolds, M.A.' 9  ? 
1       'James, T.L.'    10 ? 
# 
loop_
_entity.id 
_entity.type 
_entity.src_method 
_entity.pdbx_description 
_entity.formula_weight 
_entity.pdbx_number_of_molecules 
_entity.pdbx_ec 
_entity.pdbx_mutation 
_entity.pdbx_fragment 
_entity.details 
1 polymer syn 
;DNA (5'-D(*GP*CP*TP*AP*TP*AP*AP*TP*GP*G)-3')
;
3100.106 1 ? ? ? 'PHOSPHOROTHIOATE LINK BETWEEN A 7 AND T 8' 
2 polymer syn 
;RNA (5'-R(*CP*CP*AP*UP*UP*AP*UP*AP*GP*C)-3')
;
3121.908 1 ? ? ? 'PHOSPHOROTHIOATE LINK BETWEEN A 7 AND T 8' 
# 
loop_
_entity_keywords.entity_id 
_entity_keywords.text 
1 'DEOXYRIBONUCLEIC ACID' 
2 'RIBONUCLEIC ACID'      
# 
loop_
_entity_poly.entity_id 
_entity_poly.type 
_entity_poly.nstd_linkage 
_entity_poly.nstd_monomer 
_entity_poly.pdbx_seq_one_letter_code 
_entity_poly.pdbx_seq_one_letter_code_can 
_entity_poly.pdbx_strand_id 
_entity_poly.pdbx_target_identifier 
1 polydeoxyribonucleotide no yes '(DG)(DC)(DT)(DA)(DT)(DA)(DA)(PST)(DG)(DG)' GCTATAATGG A ? 
2 polyribonucleotide      no no  CCAUUAUAGC                                  CCAUUAUAGC B ? 
# 
loop_
_entity_poly_seq.entity_id 
_entity_poly_seq.num 
_entity_poly_seq.mon_id 
_entity_poly_seq.hetero 
1 1  DG  n 
1 2  DC  n 
1 3  DT  n 
1 4  DA  n 
1 5  DT  n 
1 6  DA  n 
1 7  DA  n 
1 8  PST n 
1 9  DG  n 
1 10 DG  n 
2 1  C   n 
2 2  C   n 
2 3  A   n 
2 4  U   n 
2 5  U   n 
2 6  A   n 
2 7  U   n 
2 8  A   n 
2 9  G   n 
2 10 C   n 
# 
loop_
_pdbx_entity_src_syn.entity_id 
_pdbx_entity_src_syn.pdbx_src_id 
_pdbx_entity_src_syn.pdbx_alt_source_flag 
_pdbx_entity_src_syn.pdbx_beg_seq_num 
_pdbx_entity_src_syn.pdbx_end_seq_num 
_pdbx_entity_src_syn.organism_scientific 
_pdbx_entity_src_syn.organism_common_name 
_pdbx_entity_src_syn.ncbi_taxonomy_id 
_pdbx_entity_src_syn.details 
1 1 sample ? ? ? ? ? 'CHEMICALLY SYNTHESIZED' 
2 1 sample ? ? ? ? ? 'CHEMICALLY SYNTHESIZED' 
# 
loop_
_chem_comp.id 
_chem_comp.type 
_chem_comp.mon_nstd_flag 
_chem_comp.name 
_chem_comp.pdbx_synonyms 
_chem_comp.formula 
_chem_comp.formula_weight 
A   'RNA linking' y "ADENOSINE-5'-MONOPHOSPHATE"         ? 'C10 H14 N5 O7 P'   347.221 
C   'RNA linking' y "CYTIDINE-5'-MONOPHOSPHATE"          ? 'C9 H14 N3 O8 P'    323.197 
DA  'DNA linking' y "2'-DEOXYADENOSINE-5'-MONOPHOSPHATE" ? 'C10 H14 N5 O6 P'   331.222 
DC  'DNA linking' y "2'-DEOXYCYTIDINE-5'-MONOPHOSPHATE"  ? 'C9 H14 N3 O7 P'    307.197 
DG  'DNA linking' y "2'-DEOXYGUANOSINE-5'-MONOPHOSPHATE" ? 'C10 H14 N5 O7 P'   347.221 
DT  'DNA linking' y "THYMIDINE-5'-MONOPHOSPHATE"         ? 'C10 H15 N2 O8 P'   322.208 
G   'RNA linking' y "GUANOSINE-5'-MONOPHOSPHATE"         ? 'C10 H14 N5 O8 P'   363.221 
PST 'DNA linking' n "THYMIDINE-5'-THIOPHOSPHATE"         ? 'C10 H15 N2 O7 P S' 338.274 
U   'RNA linking' y "URIDINE-5'-MONOPHOSPHATE"           ? 'C9 H13 N2 O9 P'    324.181 
# 
loop_
_pdbx_poly_seq_scheme.asym_id 
_pdbx_poly_seq_scheme.entity_id 
_pdbx_poly_seq_scheme.seq_id 
_pdbx_poly_seq_scheme.mon_id 
_pdbx_poly_seq_scheme.ndb_seq_num 
_pdbx_poly_seq_scheme.pdb_seq_num 
_pdbx_poly_seq_scheme.auth_seq_num 
_pdbx_poly_seq_scheme.pdb_mon_id 
_pdbx_poly_seq_scheme.auth_mon_id 
_pdbx_poly_seq_scheme.pdb_strand_id 
_pdbx_poly_seq_scheme.pdb_ins_code 
_pdbx_poly_seq_scheme.hetero 
A 1 1  DG  1  1  1  DG  G A . n 
A 1 2  DC  2  2  2  DC  C A . n 
A 1 3  DT  3  3  3  DT  T A . n 
A 1 4  DA  4  4  4  DA  A A . n 
A 1 5  DT  5  5  5  DT  T A . n 
A 1 6  DA  6  6  6  DA  A A . n 
A 1 7  DA  7  7  7  DA  A A . n 
A 1 8  PST 8  8  8  PST T A . n 
A 1 9  DG  9  9  9  DG  G A . n 
A 1 10 DG  10 10 10 DG  G A . n 
B 2 1  C   1  11 11 C   C B . n 
B 2 2  C   2  12 12 C   C B . n 
B 2 3  A   3  13 13 A   A B . n 
B 2 4  U   4  14 14 U   U B . n 
B 2 5  U   5  15 15 U   U B . n 
B 2 6  A   6  16 16 A   A B . n 
B 2 7  U   7  17 17 U   U B . n 
B 2 8  A   8  18 18 A   A B . n 
B 2 9  G   9  19 19 G   G B . n 
B 2 10 C   10 20 20 C   C B . n 
# 
_software.name             AMBER 
_software.classification   refinement 
_software.version          . 
_software.citation_id      ? 
_software.pdbx_ordinal     1 
# 
_cell.entry_id           219D 
_cell.length_a           1.000 
_cell.length_b           1.000 
_cell.length_c           1.000 
_cell.angle_alpha        90.00 
_cell.angle_beta         90.00 
_cell.angle_gamma        90.00 
_cell.Z_PDB              1 
_cell.pdbx_unique_axis   ? 
# 
_symmetry.entry_id                         219D 
_symmetry.space_group_name_H-M             'P 1' 
_symmetry.pdbx_full_space_group_name_H-M   ? 
_symmetry.cell_setting                     ? 
_symmetry.Int_Tables_number                1 
# 
_exptl.entry_id          219D 
_exptl.method            'SOLUTION NMR' 
_exptl.crystals_number   ? 
# 
_struct.entry_id                  219D 
_struct.title                     
;DNA/RNA HYBRID DUPLEX (5'-D(*GP*CP*TP*AP*TP*AP*APS*TP*GP*G)-3')(DOT) (5'-R(*CP*CP*AP*UP*UP*AP*UP*AP*GP*C)-3') WITH A PHOSPHOROTHIOATE MOIETY
;
_struct.pdbx_model_details        ? 
_struct.pdbx_CASP_flag            ? 
_struct.pdbx_model_type_details   ? 
# 
_struct_keywords.entry_id        219D 
_struct_keywords.pdbx_keywords   'DNA-RNA HYBRID' 
_struct_keywords.text            'DNA, RNA, HYBRID, PHOSPHOROTHIOATE, DNA-RNA COMPLEX, DNA-RNA HYBRID' 
# 
loop_
_struct_asym.id 
_struct_asym.pdbx_blank_PDB_chainid_flag 
_struct_asym.pdbx_modified 
_struct_asym.entity_id 
_struct_asym.details 
A N N 1 ? 
B N N 2 ? 
# 
loop_
_struct_ref.id 
_struct_ref.entity_id 
_struct_ref.db_name 
_struct_ref.db_code 
_struct_ref.pdbx_db_accession 
_struct_ref.pdbx_db_isoform 
_struct_ref.pdbx_seq_one_letter_code 
_struct_ref.pdbx_align_begin 
1 1 PDB 219D 219D ? ? ? 
2 2 PDB 219D 219D ? ? ? 
# 
loop_
_struct_ref_seq.align_id 
_struct_ref_seq.ref_id 
_struct_ref_seq.pdbx_PDB_id_code 
_struct_ref_seq.pdbx_strand_id 
_struct_ref_seq.seq_align_beg 
_struct_ref_seq.pdbx_seq_align_beg_ins_code 
_struct_ref_seq.seq_align_end 
_struct_ref_seq.pdbx_seq_align_end_ins_code 
_struct_ref_seq.pdbx_db_accession 
_struct_ref_seq.db_align_beg 
_struct_ref_seq.pdbx_db_align_beg_ins_code 
_struct_ref_seq.db_align_end 
_struct_ref_seq.pdbx_db_align_end_ins_code 
_struct_ref_seq.pdbx_auth_seq_align_beg 
_struct_ref_seq.pdbx_auth_seq_align_end 
1 1 219D A 1 ? 10 ? 219D 1  ? 10 ? 1  10 
2 2 219D B 1 ? 10 ? 219D 11 ? 20 ? 11 20 
# 
_pdbx_struct_assembly.id                   1 
_pdbx_struct_assembly.details              author_defined_assembly 
_pdbx_struct_assembly.method_details       ? 
_pdbx_struct_assembly.oligomeric_details   dimeric 
_pdbx_struct_assembly.oligomeric_count     2 
# 
_pdbx_struct_assembly_gen.assembly_id       1 
_pdbx_struct_assembly_gen.oper_expression   1 
_pdbx_struct_assembly_gen.asym_id_list      A,B 
# 
_pdbx_struct_oper_list.id                   1 
_pdbx_struct_oper_list.type                 'identity operation' 
_pdbx_struct_oper_list.name                 1_555 
_pdbx_struct_oper_list.symmetry_operation   x,y,z 
_pdbx_struct_oper_list.matrix[1][1]         1.0000000000 
_pdbx_struct_oper_list.matrix[1][2]         0.0000000000 
_pdbx_struct_oper_list.matrix[1][3]         0.0000000000 
_pdbx_struct_oper_list.vector[1]            0.0000000000 
_pdbx_struct_oper_list.matrix[2][1]         0.0000000000 
_pdbx_struct_oper_list.matrix[2][2]         1.0000000000 
_pdbx_struct_oper_list.matrix[2][3]         0.0000000000 
_pdbx_struct_oper_list.vector[2]            0.0000000000 
_pdbx_struct_oper_list.matrix[3][1]         0.0000000000 
_pdbx_struct_oper_list.matrix[3][2]         0.0000000000 
_pdbx_struct_oper_list.matrix[3][3]         1.0000000000 
_pdbx_struct_oper_list.vector[3]            0.0000000000 
# 
_struct_biol.id   1 
# 
loop_
_struct_conn.id 
_struct_conn.conn_type_id 
_struct_conn.pdbx_leaving_atom_flag 
_struct_conn.pdbx_PDB_id 
_struct_conn.ptnr1_label_asym_id 
_struct_conn.ptnr1_label_comp_id 
_struct_conn.ptnr1_label_seq_id 
_struct_conn.ptnr1_label_atom_id 
_struct_conn.pdbx_ptnr1_label_alt_id 
_struct_conn.pdbx_ptnr1_PDB_ins_code 
_struct_conn.pdbx_ptnr1_standard_comp_id 
_struct_conn.ptnr1_symmetry 
_struct_conn.ptnr2_label_asym_id 
_struct_conn.ptnr2_label_comp_id 
_struct_conn.ptnr2_label_seq_id 
_struct_conn.ptnr2_label_atom_id 
_struct_conn.pdbx_ptnr2_label_alt_id 
_struct_conn.pdbx_ptnr2_PDB_ins_code 
_struct_conn.ptnr1_auth_asym_id 
_struct_conn.ptnr1_auth_comp_id 
_struct_conn.ptnr1_auth_seq_id 
_struct_conn.ptnr2_auth_asym_id 
_struct_conn.ptnr2_auth_comp_id 
_struct_conn.ptnr2_auth_seq_id 
_struct_conn.ptnr2_symmetry 
_struct_conn.pdbx_ptnr3_label_atom_id 
_struct_conn.pdbx_ptnr3_label_seq_id 
_struct_conn.pdbx_ptnr3_label_comp_id 
_struct_conn.pdbx_ptnr3_label_asym_id 
_struct_conn.pdbx_ptnr3_label_alt_id 
_struct_conn.pdbx_ptnr3_PDB_ins_code 
_struct_conn.details 
_struct_conn.pdbx_dist_value 
_struct_conn.pdbx_value_order 
_struct_conn.pdbx_role 
covale1  covale both ? A DA  7  "O3'" ? ? ? 1_555 A PST 8  P  ? ? A DA  7  A PST 8  1_555 ? ? ? ? ? ? ?            1.604 ? ? 
covale2  covale both ? A PST 8  "O3'" ? ? ? 1_555 A DG  9  P  ? ? A PST 8  A DG  9  1_555 ? ? ? ? ? ? ?            1.613 ? ? 
hydrog1  hydrog ?    ? A DG  1  N1    ? ? ? 1_555 B C   10 N3 ? ? A DG  1  B C   20 1_555 ? ? ? ? ? ? WATSON-CRICK ?     ? ? 
hydrog2  hydrog ?    ? A DG  1  N2    ? ? ? 1_555 B C   10 O2 ? ? A DG  1  B C   20 1_555 ? ? ? ? ? ? WATSON-CRICK ?     ? ? 
hydrog3  hydrog ?    ? A DG  1  O6    ? ? ? 1_555 B C   10 N4 ? ? A DG  1  B C   20 1_555 ? ? ? ? ? ? WATSON-CRICK ?     ? ? 
hydrog4  hydrog ?    ? A DC  2  N3    ? ? ? 1_555 B G   9  N1 ? ? A DC  2  B G   19 1_555 ? ? ? ? ? ? WATSON-CRICK ?     ? ? 
hydrog5  hydrog ?    ? A DC  2  N4    ? ? ? 1_555 B G   9  O6 ? ? A DC  2  B G   19 1_555 ? ? ? ? ? ? WATSON-CRICK ?     ? ? 
hydrog6  hydrog ?    ? A DC  2  O2    ? ? ? 1_555 B G   9  N2 ? ? A DC  2  B G   19 1_555 ? ? ? ? ? ? WATSON-CRICK ?     ? ? 
hydrog7  hydrog ?    ? A DT  3  N3    ? ? ? 1_555 B A   8  N1 ? ? A DT  3  B A   18 1_555 ? ? ? ? ? ? WATSON-CRICK ?     ? ? 
hydrog8  hydrog ?    ? A DT  3  O4    ? ? ? 1_555 B A   8  N6 ? ? A DT  3  B A   18 1_555 ? ? ? ? ? ? WATSON-CRICK ?     ? ? 
hydrog9  hydrog ?    ? A DA  4  N1    ? ? ? 1_555 B U   7  N3 ? ? A DA  4  B U   17 1_555 ? ? ? ? ? ? WATSON-CRICK ?     ? ? 
hydrog10 hydrog ?    ? A DA  4  N6    ? ? ? 1_555 B U   7  O4 ? ? A DA  4  B U   17 1_555 ? ? ? ? ? ? WATSON-CRICK ?     ? ? 
hydrog11 hydrog ?    ? A DT  5  N3    ? ? ? 1_555 B A   6  N1 ? ? A DT  5  B A   16 1_555 ? ? ? ? ? ? WATSON-CRICK ?     ? ? 
hydrog12 hydrog ?    ? A DT  5  O4    ? ? ? 1_555 B A   6  N6 ? ? A DT  5  B A   16 1_555 ? ? ? ? ? ? WATSON-CRICK ?     ? ? 
hydrog13 hydrog ?    ? A DA  6  N1    ? ? ? 1_555 B U   5  N3 ? ? A DA  6  B U   15 1_555 ? ? ? ? ? ? WATSON-CRICK ?     ? ? 
hydrog14 hydrog ?    ? A DA  6  N6    ? ? ? 1_555 B U   5  O4 ? ? A DA  6  B U   15 1_555 ? ? ? ? ? ? WATSON-CRICK ?     ? ? 
hydrog15 hydrog ?    ? A DA  7  N1    ? ? ? 1_555 B U   4  N3 ? ? A DA  7  B U   14 1_555 ? ? ? ? ? ? WATSON-CRICK ?     ? ? 
hydrog16 hydrog ?    ? A DA  7  N6    ? ? ? 1_555 B U   4  O4 ? ? A DA  7  B U   14 1_555 ? ? ? ? ? ? WATSON-CRICK ?     ? ? 
hydrog17 hydrog ?    ? A PST 8  N3    ? ? ? 1_555 B A   3  N1 ? ? A PST 8  B A   13 1_555 ? ? ? ? ? ? WATSON-CRICK ?     ? ? 
hydrog18 hydrog ?    ? A PST 8  O4    ? ? ? 1_555 B A   3  N6 ? ? A PST 8  B A   13 1_555 ? ? ? ? ? ? WATSON-CRICK ?     ? ? 
hydrog19 hydrog ?    ? A DG  9  N1    ? ? ? 1_555 B C   2  N3 ? ? A DG  9  B C   12 1_555 ? ? ? ? ? ? WATSON-CRICK ?     ? ? 
hydrog20 hydrog ?    ? A DG  9  N2    ? ? ? 1_555 B C   2  O2 ? ? A DG  9  B C   12 1_555 ? ? ? ? ? ? WATSON-CRICK ?     ? ? 
hydrog21 hydrog ?    ? A DG  9  O6    ? ? ? 1_555 B C   2  N4 ? ? A DG  9  B C   12 1_555 ? ? ? ? ? ? WATSON-CRICK ?     ? ? 
hydrog22 hydrog ?    ? A DG  10 N1    ? ? ? 1_555 B C   1  N3 ? ? A DG  10 B C   11 1_555 ? ? ? ? ? ? WATSON-CRICK ?     ? ? 
hydrog23 hydrog ?    ? A DG  10 N2    ? ? ? 1_555 B C   1  O2 ? ? A DG  10 B C   11 1_555 ? ? ? ? ? ? WATSON-CRICK ?     ? ? 
hydrog24 hydrog ?    ? A DG  10 O6    ? ? ? 1_555 B C   1  N4 ? ? A DG  10 B C   11 1_555 ? ? ? ? ? ? WATSON-CRICK ?     ? ? 
# 
loop_
_struct_conn_type.id 
_struct_conn_type.criteria 
_struct_conn_type.reference 
covale ? ? 
hydrog ? ? 
# 
loop_
_pdbx_validate_rmsd_angle.id 
_pdbx_validate_rmsd_angle.PDB_model_num 
_pdbx_validate_rmsd_angle.auth_atom_id_1 
_pdbx_validate_rmsd_angle.auth_asym_id_1 
_pdbx_validate_rmsd_angle.auth_comp_id_1 
_pdbx_validate_rmsd_angle.auth_seq_id_1 
_pdbx_validate_rmsd_angle.PDB_ins_code_1 
_pdbx_validate_rmsd_angle.label_alt_id_1 
_pdbx_validate_rmsd_angle.auth_atom_id_2 
_pdbx_validate_rmsd_angle.auth_asym_id_2 
_pdbx_validate_rmsd_angle.auth_comp_id_2 
_pdbx_validate_rmsd_angle.auth_seq_id_2 
_pdbx_validate_rmsd_angle.PDB_ins_code_2 
_pdbx_validate_rmsd_angle.label_alt_id_2 
_pdbx_validate_rmsd_angle.auth_atom_id_3 
_pdbx_validate_rmsd_angle.auth_asym_id_3 
_pdbx_validate_rmsd_angle.auth_comp_id_3 
_pdbx_validate_rmsd_angle.auth_seq_id_3 
_pdbx_validate_rmsd_angle.PDB_ins_code_3 
_pdbx_validate_rmsd_angle.label_alt_id_3 
_pdbx_validate_rmsd_angle.angle_value 
_pdbx_validate_rmsd_angle.angle_target_value 
_pdbx_validate_rmsd_angle.angle_deviation 
_pdbx_validate_rmsd_angle.angle_standard_deviation 
_pdbx_validate_rmsd_angle.linker_flag 
1  1 "C4'" A DG 1  ? ? "C3'" A DG 1  ? ? "C2'" A DG 1  ? ? 96.85  102.20 -5.35  0.70 N 
2  1 "O4'" A DG 1  ? ? "C1'" A DG 1  ? ? N9    A DG 1  ? ? 113.00 108.30 4.70   0.30 N 
3  1 "O4'" A DC 2  ? ? "C1'" A DC 2  ? ? "C2'" A DC 2  ? ? 109.99 106.80 3.19   0.50 N 
4  1 "O4'" A DC 2  ? ? "C1'" A DC 2  ? ? N1    A DC 2  ? ? 112.17 108.30 3.87   0.30 N 
5  1 "O4'" A DT 3  ? ? "C1'" A DT 3  ? ? "C2'" A DT 3  ? ? 100.96 105.90 -4.94  0.80 N 
6  1 C6    A DT 3  ? ? C5    A DT 3  ? ? C7    A DT 3  ? ? 118.65 122.90 -4.25  0.60 N 
7  1 "C3'" A DA 4  ? ? "C2'" A DA 4  ? ? "C1'" A DA 4  ? ? 110.86 102.50 8.36   1.20 N 
8  1 "O4'" A DA 4  ? ? "C1'" A DA 4  ? ? N9    A DA 4  ? ? 111.25 108.30 2.95   0.30 N 
9  1 C6    A DT 5  ? ? C5    A DT 5  ? ? C7    A DT 5  ? ? 118.48 122.90 -4.42  0.60 N 
10 1 "O4'" A DA 6  ? ? "C1'" A DA 6  ? ? N9    A DA 6  ? ? 110.46 108.30 2.16   0.30 N 
11 1 "O4'" A DA 7  ? ? "C4'" A DA 7  ? ? "C3'" A DA 7  ? ? 110.70 106.00 4.70   0.60 N 
12 1 "C4'" A DA 7  ? ? "C3'" A DA 7  ? ? "C2'" A DA 7  ? ? 92.50  102.20 -9.70  0.70 N 
13 1 "O4'" A DA 7  ? ? "C1'" A DA 7  ? ? "C2'" A DA 7  ? ? 95.67  105.90 -10.23 0.80 N 
14 1 "O4'" A DA 7  ? ? "C1'" A DA 7  ? ? N9    A DA 7  ? ? 116.46 108.30 8.16   0.30 N 
15 1 "O4'" A DG 9  ? ? "C1'" A DG 9  ? ? N9    A DG 9  ? ? 111.01 108.30 2.71   0.30 N 
16 1 "O4'" A DG 10 ? ? "C1'" A DG 10 ? ? N9    A DG 10 ? ? 110.50 108.30 2.20   0.30 N 
17 1 "O4'" B C  12 ? ? "C1'" B C  12 ? ? N1    B C  12 ? ? 113.21 108.50 4.71   0.70 N 
18 1 "O4'" B A  13 ? ? "C1'" B A  13 ? ? N9    B A  13 ? ? 113.77 108.50 5.27   0.70 N 
19 1 "O4'" B U  14 ? ? "C1'" B U  14 ? ? N1    B U  14 ? ? 114.86 108.50 6.36   0.70 N 
20 1 "O4'" B U  15 ? ? "C1'" B U  15 ? ? N1    B U  15 ? ? 112.83 108.50 4.33   0.70 N 
21 1 "C3'" B A  16 ? ? "C2'" B A  16 ? ? "C1'" B A  16 ? ? 106.33 101.50 4.83   0.80 N 
22 1 "O4'" B A  16 ? ? "C1'" B A  16 ? ? N9    B A  16 ? ? 114.37 108.50 5.87   0.70 N 
23 1 "O4'" B U  17 ? ? "C1'" B U  17 ? ? N1    B U  17 ? ? 113.25 108.50 4.75   0.70 N 
24 1 "C5'" B A  18 ? ? "C4'" B A  18 ? ? "O4'" B A  18 ? ? 115.49 109.80 5.69   0.90 N 
25 1 "C3'" B A  18 ? ? "C2'" B A  18 ? ? "C1'" B A  18 ? ? 107.57 101.50 6.07   0.80 N 
26 1 "O4'" B C  20 ? ? "C1'" B C  20 ? ? N1    B C  20 ? ? 114.26 108.50 5.76   0.70 N 
# 
loop_
_pdbx_validate_planes.id 
_pdbx_validate_planes.PDB_model_num 
_pdbx_validate_planes.auth_comp_id 
_pdbx_validate_planes.auth_asym_id 
_pdbx_validate_planes.auth_seq_id 
_pdbx_validate_planes.PDB_ins_code 
_pdbx_validate_planes.label_alt_id 
_pdbx_validate_planes.rmsd 
_pdbx_validate_planes.type 
1 1 DG A 1  ? ? 0.066 'SIDE CHAIN' 
2 1 DA A 6  ? ? 0.067 'SIDE CHAIN' 
3 1 DA A 7  ? ? 0.070 'SIDE CHAIN' 
4 1 C  B 11 ? ? 0.091 'SIDE CHAIN' 
5 1 C  B 12 ? ? 0.067 'SIDE CHAIN' 
6 1 A  B 13 ? ? 0.109 'SIDE CHAIN' 
7 1 A  B 18 ? ? 0.073 'SIDE CHAIN' 
# 
_pdbx_struct_mod_residue.id               1 
_pdbx_struct_mod_residue.label_asym_id    A 
_pdbx_struct_mod_residue.label_comp_id    PST 
_pdbx_struct_mod_residue.label_seq_id     8 
_pdbx_struct_mod_residue.auth_asym_id     A 
_pdbx_struct_mod_residue.auth_comp_id     PST 
_pdbx_struct_mod_residue.auth_seq_id      8 
_pdbx_struct_mod_residue.PDB_ins_code     ? 
_pdbx_struct_mod_residue.parent_comp_id   DT 
_pdbx_struct_mod_residue.details          "THYMIDINE-5'-THIOPHOSPHATE" 
# 
_pdbx_nmr_ensemble.entry_id                                      219D 
_pdbx_nmr_ensemble.conformers_calculated_total_number            ? 
_pdbx_nmr_ensemble.conformers_submitted_total_number             1 
_pdbx_nmr_ensemble.conformer_selection_criteria                  ? 
_pdbx_nmr_ensemble.average_constraints_per_residue               ? 
_pdbx_nmr_ensemble.average_constraint_violations_per_residue     ? 
_pdbx_nmr_ensemble.maximum_distance_constraint_violation         ? 
_pdbx_nmr_ensemble.average_distance_constraint_violation         ? 
_pdbx_nmr_ensemble.maximum_upper_distance_constraint_violation   ? 
_pdbx_nmr_ensemble.maximum_lower_distance_constraint_violation   ? 
_pdbx_nmr_ensemble.distance_constraint_violation_method          ? 
_pdbx_nmr_ensemble.maximum_torsion_angle_constraint_violation    ? 
_pdbx_nmr_ensemble.average_torsion_angle_constraint_violation    ? 
_pdbx_nmr_ensemble.torsion_angle_constraint_violation_method     ? 
# 
_pdbx_nmr_details.entry_id   219D 
_pdbx_nmr_details.text       
;THE PHOSPHATE BETWEEN NUCLEOTIDES SEVEN AND EIGHT IS MODIFIED BY SUBSTITUTING A SULFUR FOR ONE OF THE OXYGEN ATOMS. TWO SAMPLES WITH PURE CHIRALITY (R OR S) HAVE BEEN STUDIED; ONLY MINOR DIFFERENCES COULD BE DETECTED. THE COORDINATES REPRESENT THE S STEREOISOMER OF THE MODIFIED PHOSPHATE. THE SIXTH ROOT R-FACTOR, EXPRESSING THE FIT TO THE EXPERIMENTAL NOE DATA, CALCULATED WITH THE PROGRAM CORMA (KEEPERS AND JAMES), HAS A VALUE OF 0.074. THE ROOT MEAN SQUARE DEVIATION BETWEEN EXPERIMENTAL AND THEORETICAL DEOXYRIBOSE J-COUPLING CONSTRAINTS IS 2.01 HZ. THIS POOR FIT OF THE COUPLING CONSTANTS IS DUE TO CONFORMATIONAL FLEXIBILITY IN THE SUGAR RING.
;
# 
_pdbx_nmr_refine.entry_id           219D 
_pdbx_nmr_refine.method             'molecular dynamics' 
_pdbx_nmr_refine.details            
;NUMBER OF ATOMS USED IN REFINEMENT. NUMBER OF PROTEIN ATOMS 0 NUMBER OF NUCLEIC ACID ATOMS 411 NUMBER OF HETEROGEN ATOMS 0 NUMBER OF SOLVENT ATOMS 0
;
_pdbx_nmr_refine.software_ordinal   1 
# 
_pdbx_nmr_software.name             AMBER4 
_pdbx_nmr_software.version          ? 
_pdbx_nmr_software.classification   refinement 
_pdbx_nmr_software.authors          PEARLMAN,KOLLMAN 
_pdbx_nmr_software.ordinal          1 
# 
loop_
_chem_comp_atom.comp_id 
_chem_comp_atom.atom_id 
_chem_comp_atom.type_symbol 
_chem_comp_atom.pdbx_aromatic_flag 
_chem_comp_atom.pdbx_stereo_config 
_chem_comp_atom.pdbx_ordinal 
A   OP3    O N N 1   
A   P      P N N 2   
A   OP1    O N N 3   
A   OP2    O N N 4   
A   "O5'"  O N N 5   
A   "C5'"  C N N 6   
A   "C4'"  C N R 7   
A   "O4'"  O N N 8   
A   "C3'"  C N S 9   
A   "O3'"  O N N 10  
A   "C2'"  C N R 11  
A   "O2'"  O N N 12  
A   "C1'"  C N R 13  
A   N9     N Y N 14  
A   C8     C Y N 15  
A   N7     N Y N 16  
A   C5     C Y N 17  
A   C6     C Y N 18  
A   N6     N N N 19  
A   N1     N Y N 20  
A   C2     C Y N 21  
A   N3     N Y N 22  
A   C4     C Y N 23  
A   HOP3   H N N 24  
A   HOP2   H N N 25  
A   "H5'"  H N N 26  
A   "H5''" H N N 27  
A   "H4'"  H N N 28  
A   "H3'"  H N N 29  
A   "HO3'" H N N 30  
A   "H2'"  H N N 31  
A   "HO2'" H N N 32  
A   "H1'"  H N N 33  
A   H8     H N N 34  
A   H61    H N N 35  
A   H62    H N N 36  
A   H2     H N N 37  
C   OP3    O N N 38  
C   P      P N N 39  
C   OP1    O N N 40  
C   OP2    O N N 41  
C   "O5'"  O N N 42  
C   "C5'"  C N N 43  
C   "C4'"  C N R 44  
C   "O4'"  O N N 45  
C   "C3'"  C N S 46  
C   "O3'"  O N N 47  
C   "C2'"  C N R 48  
C   "O2'"  O N N 49  
C   "C1'"  C N R 50  
C   N1     N N N 51  
C   C2     C N N 52  
C   O2     O N N 53  
C   N3     N N N 54  
C   C4     C N N 55  
C   N4     N N N 56  
C   C5     C N N 57  
C   C6     C N N 58  
C   HOP3   H N N 59  
C   HOP2   H N N 60  
C   "H5'"  H N N 61  
C   "H5''" H N N 62  
C   "H4'"  H N N 63  
C   "H3'"  H N N 64  
C   "HO3'" H N N 65  
C   "H2'"  H N N 66  
C   "HO2'" H N N 67  
C   "H1'"  H N N 68  
C   H41    H N N 69  
C   H42    H N N 70  
C   H5     H N N 71  
C   H6     H N N 72  
DA  OP3    O N N 73  
DA  P      P N N 74  
DA  OP1    O N N 75  
DA  OP2    O N N 76  
DA  "O5'"  O N N 77  
DA  "C5'"  C N N 78  
DA  "C4'"  C N R 79  
DA  "O4'"  O N N 80  
DA  "C3'"  C N S 81  
DA  "O3'"  O N N 82  
DA  "C2'"  C N N 83  
DA  "C1'"  C N R 84  
DA  N9     N Y N 85  
DA  C8     C Y N 86  
DA  N7     N Y N 87  
DA  C5     C Y N 88  
DA  C6     C Y N 89  
DA  N6     N N N 90  
DA  N1     N Y N 91  
DA  C2     C Y N 92  
DA  N3     N Y N 93  
DA  C4     C Y N 94  
DA  HOP3   H N N 95  
DA  HOP2   H N N 96  
DA  "H5'"  H N N 97  
DA  "H5''" H N N 98  
DA  "H4'"  H N N 99  
DA  "H3'"  H N N 100 
DA  "HO3'" H N N 101 
DA  "H2'"  H N N 102 
DA  "H2''" H N N 103 
DA  "H1'"  H N N 104 
DA  H8     H N N 105 
DA  H61    H N N 106 
DA  H62    H N N 107 
DA  H2     H N N 108 
DC  OP3    O N N 109 
DC  P      P N N 110 
DC  OP1    O N N 111 
DC  OP2    O N N 112 
DC  "O5'"  O N N 113 
DC  "C5'"  C N N 114 
DC  "C4'"  C N R 115 
DC  "O4'"  O N N 116 
DC  "C3'"  C N S 117 
DC  "O3'"  O N N 118 
DC  "C2'"  C N N 119 
DC  "C1'"  C N R 120 
DC  N1     N N N 121 
DC  C2     C N N 122 
DC  O2     O N N 123 
DC  N3     N N N 124 
DC  C4     C N N 125 
DC  N4     N N N 126 
DC  C5     C N N 127 
DC  C6     C N N 128 
DC  HOP3   H N N 129 
DC  HOP2   H N N 130 
DC  "H5'"  H N N 131 
DC  "H5''" H N N 132 
DC  "H4'"  H N N 133 
DC  "H3'"  H N N 134 
DC  "HO3'" H N N 135 
DC  "H2'"  H N N 136 
DC  "H2''" H N N 137 
DC  "H1'"  H N N 138 
DC  H41    H N N 139 
DC  H42    H N N 140 
DC  H5     H N N 141 
DC  H6     H N N 142 
DG  OP3    O N N 143 
DG  P      P N N 144 
DG  OP1    O N N 145 
DG  OP2    O N N 146 
DG  "O5'"  O N N 147 
DG  "C5'"  C N N 148 
DG  "C4'"  C N R 149 
DG  "O4'"  O N N 150 
DG  "C3'"  C N S 151 
DG  "O3'"  O N N 152 
DG  "C2'"  C N N 153 
DG  "C1'"  C N R 154 
DG  N9     N Y N 155 
DG  C8     C Y N 156 
DG  N7     N Y N 157 
DG  C5     C Y N 158 
DG  C6     C N N 159 
DG  O6     O N N 160 
DG  N1     N N N 161 
DG  C2     C N N 162 
DG  N2     N N N 163 
DG  N3     N N N 164 
DG  C4     C Y N 165 
DG  HOP3   H N N 166 
DG  HOP2   H N N 167 
DG  "H5'"  H N N 168 
DG  "H5''" H N N 169 
DG  "H4'"  H N N 170 
DG  "H3'"  H N N 171 
DG  "HO3'" H N N 172 
DG  "H2'"  H N N 173 
DG  "H2''" H N N 174 
DG  "H1'"  H N N 175 
DG  H8     H N N 176 
DG  H1     H N N 177 
DG  H21    H N N 178 
DG  H22    H N N 179 
DT  OP3    O N N 180 
DT  P      P N N 181 
DT  OP1    O N N 182 
DT  OP2    O N N 183 
DT  "O5'"  O N N 184 
DT  "C5'"  C N N 185 
DT  "C4'"  C N R 186 
DT  "O4'"  O N N 187 
DT  "C3'"  C N S 188 
DT  "O3'"  O N N 189 
DT  "C2'"  C N N 190 
DT  "C1'"  C N R 191 
DT  N1     N N N 192 
DT  C2     C N N 193 
DT  O2     O N N 194 
DT  N3     N N N 195 
DT  C4     C N N 196 
DT  O4     O N N 197 
DT  C5     C N N 198 
DT  C7     C N N 199 
DT  C6     C N N 200 
DT  HOP3   H N N 201 
DT  HOP2   H N N 202 
DT  "H5'"  H N N 203 
DT  "H5''" H N N 204 
DT  "H4'"  H N N 205 
DT  "H3'"  H N N 206 
DT  "HO3'" H N N 207 
DT  "H2'"  H N N 208 
DT  "H2''" H N N 209 
DT  "H1'"  H N N 210 
DT  H3     H N N 211 
DT  H71    H N N 212 
DT  H72    H N N 213 
DT  H73    H N N 214 
DT  H6     H N N 215 
G   OP3    O N N 216 
G   P      P N N 217 
G   OP1    O N N 218 
G   OP2    O N N 219 
G   "O5'"  O N N 220 
G   "C5'"  C N N 221 
G   "C4'"  C N R 222 
G   "O4'"  O N N 223 
G   "C3'"  C N S 224 
G   "O3'"  O N N 225 
G   "C2'"  C N R 226 
G   "O2'"  O N N 227 
G   "C1'"  C N R 228 
G   N9     N Y N 229 
G   C8     C Y N 230 
G   N7     N Y N 231 
G   C5     C Y N 232 
G   C6     C N N 233 
G   O6     O N N 234 
G   N1     N N N 235 
G   C2     C N N 236 
G   N2     N N N 237 
G   N3     N N N 238 
G   C4     C Y N 239 
G   HOP3   H N N 240 
G   HOP2   H N N 241 
G   "H5'"  H N N 242 
G   "H5''" H N N 243 
G   "H4'"  H N N 244 
G   "H3'"  H N N 245 
G   "HO3'" H N N 246 
G   "H2'"  H N N 247 
G   "HO2'" H N N 248 
G   "H1'"  H N N 249 
G   H8     H N N 250 
G   H1     H N N 251 
G   H21    H N N 252 
G   H22    H N N 253 
PST P      P N N 254 
PST OP1    O N N 255 
PST OP2    O N N 256 
PST SP     S N N 257 
PST "O5'"  O N N 258 
PST "C5'"  C N N 259 
PST "C4'"  C N R 260 
PST "O4'"  O N N 261 
PST "C3'"  C N S 262 
PST "O3'"  O N N 263 
PST "C2'"  C N N 264 
PST "C1'"  C N R 265 
PST N1     N N N 266 
PST C2     C N N 267 
PST O2     O N N 268 
PST N3     N N N 269 
PST C4     C N N 270 
PST O4     O N N 271 
PST C5     C N N 272 
PST C5M    C N N 273 
PST C6     C N N 274 
PST HOP1   H N N 275 
PST HOP2   H N N 276 
PST "H5'"  H N N 277 
PST "H5''" H N N 278 
PST "H4'"  H N N 279 
PST "H3'"  H N N 280 
PST HO3    H N N 281 
PST "H2'"  H N N 282 
PST "H2''" H N N 283 
PST "H1'"  H N N 284 
PST HN3    H N N 285 
PST H71    H N N 286 
PST H72    H N N 287 
PST H73    H N N 288 
PST H6     H N N 289 
U   OP3    O N N 290 
U   P      P N N 291 
U   OP1    O N N 292 
U   OP2    O N N 293 
U   "O5'"  O N N 294 
U   "C5'"  C N N 295 
U   "C4'"  C N R 296 
U   "O4'"  O N N 297 
U   "C3'"  C N S 298 
U   "O3'"  O N N 299 
U   "C2'"  C N R 300 
U   "O2'"  O N N 301 
U   "C1'"  C N R 302 
U   N1     N N N 303 
U   C2     C N N 304 
U   O2     O N N 305 
U   N3     N N N 306 
U   C4     C N N 307 
U   O4     O N N 308 
U   C5     C N N 309 
U   C6     C N N 310 
U   HOP3   H N N 311 
U   HOP2   H N N 312 
U   "H5'"  H N N 313 
U   "H5''" H N N 314 
U   "H4'"  H N N 315 
U   "H3'"  H N N 316 
U   "HO3'" H N N 317 
U   "H2'"  H N N 318 
U   "HO2'" H N N 319 
U   "H1'"  H N N 320 
U   H3     H N N 321 
U   H5     H N N 322 
U   H6     H N N 323 
# 
loop_
_chem_comp_bond.comp_id 
_chem_comp_bond.atom_id_1 
_chem_comp_bond.atom_id_2 
_chem_comp_bond.value_order 
_chem_comp_bond.pdbx_aromatic_flag 
_chem_comp_bond.pdbx_stereo_config 
_chem_comp_bond.pdbx_ordinal 
A   OP3   P      sing N N 1   
A   OP3   HOP3   sing N N 2   
A   P     OP1    doub N N 3   
A   P     OP2    sing N N 4   
A   P     "O5'"  sing N N 5   
A   OP2   HOP2   sing N N 6   
A   "O5'" "C5'"  sing N N 7   
A   "C5'" "C4'"  sing N N 8   
A   "C5'" "H5'"  sing N N 9   
A   "C5'" "H5''" sing N N 10  
A   "C4'" "O4'"  sing N N 11  
A   "C4'" "C3'"  sing N N 12  
A   "C4'" "H4'"  sing N N 13  
A   "O4'" "C1'"  sing N N 14  
A   "C3'" "O3'"  sing N N 15  
A   "C3'" "C2'"  sing N N 16  
A   "C3'" "H3'"  sing N N 17  
A   "O3'" "HO3'" sing N N 18  
A   "C2'" "O2'"  sing N N 19  
A   "C2'" "C1'"  sing N N 20  
A   "C2'" "H2'"  sing N N 21  
A   "O2'" "HO2'" sing N N 22  
A   "C1'" N9     sing N N 23  
A   "C1'" "H1'"  sing N N 24  
A   N9    C8     sing Y N 25  
A   N9    C4     sing Y N 26  
A   C8    N7     doub Y N 27  
A   C8    H8     sing N N 28  
A   N7    C5     sing Y N 29  
A   C5    C6     sing Y N 30  
A   C5    C4     doub Y N 31  
A   C6    N6     sing N N 32  
A   C6    N1     doub Y N 33  
A   N6    H61    sing N N 34  
A   N6    H62    sing N N 35  
A   N1    C2     sing Y N 36  
A   C2    N3     doub Y N 37  
A   C2    H2     sing N N 38  
A   N3    C4     sing Y N 39  
C   OP3   P      sing N N 40  
C   OP3   HOP3   sing N N 41  
C   P     OP1    doub N N 42  
C   P     OP2    sing N N 43  
C   P     "O5'"  sing N N 44  
C   OP2   HOP2   sing N N 45  
C   "O5'" "C5'"  sing N N 46  
C   "C5'" "C4'"  sing N N 47  
C   "C5'" "H5'"  sing N N 48  
C   "C5'" "H5''" sing N N 49  
C   "C4'" "O4'"  sing N N 50  
C   "C4'" "C3'"  sing N N 51  
C   "C4'" "H4'"  sing N N 52  
C   "O4'" "C1'"  sing N N 53  
C   "C3'" "O3'"  sing N N 54  
C   "C3'" "C2'"  sing N N 55  
C   "C3'" "H3'"  sing N N 56  
C   "O3'" "HO3'" sing N N 57  
C   "C2'" "O2'"  sing N N 58  
C   "C2'" "C1'"  sing N N 59  
C   "C2'" "H2'"  sing N N 60  
C   "O2'" "HO2'" sing N N 61  
C   "C1'" N1     sing N N 62  
C   "C1'" "H1'"  sing N N 63  
C   N1    C2     sing N N 64  
C   N1    C6     sing N N 65  
C   C2    O2     doub N N 66  
C   C2    N3     sing N N 67  
C   N3    C4     doub N N 68  
C   C4    N4     sing N N 69  
C   C4    C5     sing N N 70  
C   N4    H41    sing N N 71  
C   N4    H42    sing N N 72  
C   C5    C6     doub N N 73  
C   C5    H5     sing N N 74  
C   C6    H6     sing N N 75  
DA  OP3   P      sing N N 76  
DA  OP3   HOP3   sing N N 77  
DA  P     OP1    doub N N 78  
DA  P     OP2    sing N N 79  
DA  P     "O5'"  sing N N 80  
DA  OP2   HOP2   sing N N 81  
DA  "O5'" "C5'"  sing N N 82  
DA  "C5'" "C4'"  sing N N 83  
DA  "C5'" "H5'"  sing N N 84  
DA  "C5'" "H5''" sing N N 85  
DA  "C4'" "O4'"  sing N N 86  
DA  "C4'" "C3'"  sing N N 87  
DA  "C4'" "H4'"  sing N N 88  
DA  "O4'" "C1'"  sing N N 89  
DA  "C3'" "O3'"  sing N N 90  
DA  "C3'" "C2'"  sing N N 91  
DA  "C3'" "H3'"  sing N N 92  
DA  "O3'" "HO3'" sing N N 93  
DA  "C2'" "C1'"  sing N N 94  
DA  "C2'" "H2'"  sing N N 95  
DA  "C2'" "H2''" sing N N 96  
DA  "C1'" N9     sing N N 97  
DA  "C1'" "H1'"  sing N N 98  
DA  N9    C8     sing Y N 99  
DA  N9    C4     sing Y N 100 
DA  C8    N7     doub Y N 101 
DA  C8    H8     sing N N 102 
DA  N7    C5     sing Y N 103 
DA  C5    C6     sing Y N 104 
DA  C5    C4     doub Y N 105 
DA  C6    N6     sing N N 106 
DA  C6    N1     doub Y N 107 
DA  N6    H61    sing N N 108 
DA  N6    H62    sing N N 109 
DA  N1    C2     sing Y N 110 
DA  C2    N3     doub Y N 111 
DA  C2    H2     sing N N 112 
DA  N3    C4     sing Y N 113 
DC  OP3   P      sing N N 114 
DC  OP3   HOP3   sing N N 115 
DC  P     OP1    doub N N 116 
DC  P     OP2    sing N N 117 
DC  P     "O5'"  sing N N 118 
DC  OP2   HOP2   sing N N 119 
DC  "O5'" "C5'"  sing N N 120 
DC  "C5'" "C4'"  sing N N 121 
DC  "C5'" "H5'"  sing N N 122 
DC  "C5'" "H5''" sing N N 123 
DC  "C4'" "O4'"  sing N N 124 
DC  "C4'" "C3'"  sing N N 125 
DC  "C4'" "H4'"  sing N N 126 
DC  "O4'" "C1'"  sing N N 127 
DC  "C3'" "O3'"  sing N N 128 
DC  "C3'" "C2'"  sing N N 129 
DC  "C3'" "H3'"  sing N N 130 
DC  "O3'" "HO3'" sing N N 131 
DC  "C2'" "C1'"  sing N N 132 
DC  "C2'" "H2'"  sing N N 133 
DC  "C2'" "H2''" sing N N 134 
DC  "C1'" N1     sing N N 135 
DC  "C1'" "H1'"  sing N N 136 
DC  N1    C2     sing N N 137 
DC  N1    C6     sing N N 138 
DC  C2    O2     doub N N 139 
DC  C2    N3     sing N N 140 
DC  N3    C4     doub N N 141 
DC  C4    N4     sing N N 142 
DC  C4    C5     sing N N 143 
DC  N4    H41    sing N N 144 
DC  N4    H42    sing N N 145 
DC  C5    C6     doub N N 146 
DC  C5    H5     sing N N 147 
DC  C6    H6     sing N N 148 
DG  OP3   P      sing N N 149 
DG  OP3   HOP3   sing N N 150 
DG  P     OP1    doub N N 151 
DG  P     OP2    sing N N 152 
DG  P     "O5'"  sing N N 153 
DG  OP2   HOP2   sing N N 154 
DG  "O5'" "C5'"  sing N N 155 
DG  "C5'" "C4'"  sing N N 156 
DG  "C5'" "H5'"  sing N N 157 
DG  "C5'" "H5''" sing N N 158 
DG  "C4'" "O4'"  sing N N 159 
DG  "C4'" "C3'"  sing N N 160 
DG  "C4'" "H4'"  sing N N 161 
DG  "O4'" "C1'"  sing N N 162 
DG  "C3'" "O3'"  sing N N 163 
DG  "C3'" "C2'"  sing N N 164 
DG  "C3'" "H3'"  sing N N 165 
DG  "O3'" "HO3'" sing N N 166 
DG  "C2'" "C1'"  sing N N 167 
DG  "C2'" "H2'"  sing N N 168 
DG  "C2'" "H2''" sing N N 169 
DG  "C1'" N9     sing N N 170 
DG  "C1'" "H1'"  sing N N 171 
DG  N9    C8     sing Y N 172 
DG  N9    C4     sing Y N 173 
DG  C8    N7     doub Y N 174 
DG  C8    H8     sing N N 175 
DG  N7    C5     sing Y N 176 
DG  C5    C6     sing N N 177 
DG  C5    C4     doub Y N 178 
DG  C6    O6     doub N N 179 
DG  C6    N1     sing N N 180 
DG  N1    C2     sing N N 181 
DG  N1    H1     sing N N 182 
DG  C2    N2     sing N N 183 
DG  C2    N3     doub N N 184 
DG  N2    H21    sing N N 185 
DG  N2    H22    sing N N 186 
DG  N3    C4     sing N N 187 
DT  OP3   P      sing N N 188 
DT  OP3   HOP3   sing N N 189 
DT  P     OP1    doub N N 190 
DT  P     OP2    sing N N 191 
DT  P     "O5'"  sing N N 192 
DT  OP2   HOP2   sing N N 193 
DT  "O5'" "C5'"  sing N N 194 
DT  "C5'" "C4'"  sing N N 195 
DT  "C5'" "H5'"  sing N N 196 
DT  "C5'" "H5''" sing N N 197 
DT  "C4'" "O4'"  sing N N 198 
DT  "C4'" "C3'"  sing N N 199 
DT  "C4'" "H4'"  sing N N 200 
DT  "O4'" "C1'"  sing N N 201 
DT  "C3'" "O3'"  sing N N 202 
DT  "C3'" "C2'"  sing N N 203 
DT  "C3'" "H3'"  sing N N 204 
DT  "O3'" "HO3'" sing N N 205 
DT  "C2'" "C1'"  sing N N 206 
DT  "C2'" "H2'"  sing N N 207 
DT  "C2'" "H2''" sing N N 208 
DT  "C1'" N1     sing N N 209 
DT  "C1'" "H1'"  sing N N 210 
DT  N1    C2     sing N N 211 
DT  N1    C6     sing N N 212 
DT  C2    O2     doub N N 213 
DT  C2    N3     sing N N 214 
DT  N3    C4     sing N N 215 
DT  N3    H3     sing N N 216 
DT  C4    O4     doub N N 217 
DT  C4    C5     sing N N 218 
DT  C5    C7     sing N N 219 
DT  C5    C6     doub N N 220 
DT  C7    H71    sing N N 221 
DT  C7    H72    sing N N 222 
DT  C7    H73    sing N N 223 
DT  C6    H6     sing N N 224 
G   OP3   P      sing N N 225 
G   OP3   HOP3   sing N N 226 
G   P     OP1    doub N N 227 
G   P     OP2    sing N N 228 
G   P     "O5'"  sing N N 229 
G   OP2   HOP2   sing N N 230 
G   "O5'" "C5'"  sing N N 231 
G   "C5'" "C4'"  sing N N 232 
G   "C5'" "H5'"  sing N N 233 
G   "C5'" "H5''" sing N N 234 
G   "C4'" "O4'"  sing N N 235 
G   "C4'" "C3'"  sing N N 236 
G   "C4'" "H4'"  sing N N 237 
G   "O4'" "C1'"  sing N N 238 
G   "C3'" "O3'"  sing N N 239 
G   "C3'" "C2'"  sing N N 240 
G   "C3'" "H3'"  sing N N 241 
G   "O3'" "HO3'" sing N N 242 
G   "C2'" "O2'"  sing N N 243 
G   "C2'" "C1'"  sing N N 244 
G   "C2'" "H2'"  sing N N 245 
G   "O2'" "HO2'" sing N N 246 
G   "C1'" N9     sing N N 247 
G   "C1'" "H1'"  sing N N 248 
G   N9    C8     sing Y N 249 
G   N9    C4     sing Y N 250 
G   C8    N7     doub Y N 251 
G   C8    H8     sing N N 252 
G   N7    C5     sing Y N 253 
G   C5    C6     sing N N 254 
G   C5    C4     doub Y N 255 
G   C6    O6     doub N N 256 
G   C6    N1     sing N N 257 
G   N1    C2     sing N N 258 
G   N1    H1     sing N N 259 
G   C2    N2     sing N N 260 
G   C2    N3     doub N N 261 
G   N2    H21    sing N N 262 
G   N2    H22    sing N N 263 
G   N3    C4     sing N N 264 
PST P     OP1    sing N N 265 
PST P     OP2    sing N N 266 
PST P     SP     doub N N 267 
PST P     "O5'"  sing N N 268 
PST OP1   HOP1   sing N N 269 
PST OP2   HOP2   sing N N 270 
PST "O5'" "C5'"  sing N N 271 
PST "C5'" "C4'"  sing N N 272 
PST "C5'" "H5'"  sing N N 273 
PST "C5'" "H5''" sing N N 274 
PST "C4'" "O4'"  sing N N 275 
PST "C4'" "C3'"  sing N N 276 
PST "C4'" "H4'"  sing N N 277 
PST "O4'" "C1'"  sing N N 278 
PST "C3'" "O3'"  sing N N 279 
PST "C3'" "C2'"  sing N N 280 
PST "C3'" "H3'"  sing N N 281 
PST "O3'" HO3    sing N N 282 
PST "C2'" "C1'"  sing N N 283 
PST "C2'" "H2'"  sing N N 284 
PST "C2'" "H2''" sing N N 285 
PST "C1'" N1     sing N N 286 
PST "C1'" "H1'"  sing N N 287 
PST N1    C2     sing N N 288 
PST N1    C6     sing N N 289 
PST C2    O2     doub N N 290 
PST C2    N3     sing N N 291 
PST N3    C4     sing N N 292 
PST N3    HN3    sing N N 293 
PST C4    O4     doub N N 294 
PST C4    C5     sing N N 295 
PST C5    C5M    sing N N 296 
PST C5    C6     doub N N 297 
PST C5M   H71    sing N N 298 
PST C5M   H72    sing N N 299 
PST C5M   H73    sing N N 300 
PST C6    H6     sing N N 301 
U   OP3   P      sing N N 302 
U   OP3   HOP3   sing N N 303 
U   P     OP1    doub N N 304 
U   P     OP2    sing N N 305 
U   P     "O5'"  sing N N 306 
U   OP2   HOP2   sing N N 307 
U   "O5'" "C5'"  sing N N 308 
U   "C5'" "C4'"  sing N N 309 
U   "C5'" "H5'"  sing N N 310 
U   "C5'" "H5''" sing N N 311 
U   "C4'" "O4'"  sing N N 312 
U   "C4'" "C3'"  sing N N 313 
U   "C4'" "H4'"  sing N N 314 
U   "O4'" "C1'"  sing N N 315 
U   "C3'" "O3'"  sing N N 316 
U   "C3'" "C2'"  sing N N 317 
U   "C3'" "H3'"  sing N N 318 
U   "O3'" "HO3'" sing N N 319 
U   "C2'" "O2'"  sing N N 320 
U   "C2'" "C1'"  sing N N 321 
U   "C2'" "H2'"  sing N N 322 
U   "O2'" "HO2'" sing N N 323 
U   "C1'" N1     sing N N 324 
U   "C1'" "H1'"  sing N N 325 
U   N1    C2     sing N N 326 
U   N1    C6     sing N N 327 
U   C2    O2     doub N N 328 
U   C2    N3     sing N N 329 
U   N3    C4     sing N N 330 
U   N3    H3     sing N N 331 
U   C4    O4     doub N N 332 
U   C4    C5     sing N N 333 
U   C5    C6     doub N N 334 
U   C5    H5     sing N N 335 
U   C6    H6     sing N N 336 
# 
loop_
_ndb_struct_conf_na.entry_id 
_ndb_struct_conf_na.feature 
219D 'double helix'        
219D 'a-form double helix' 
# 
loop_
_ndb_struct_na_base_pair.model_number 
_ndb_struct_na_base_pair.i_label_asym_id 
_ndb_struct_na_base_pair.i_label_comp_id 
_ndb_struct_na_base_pair.i_label_seq_id 
_ndb_struct_na_base_pair.i_symmetry 
_ndb_struct_na_base_pair.j_label_asym_id 
_ndb_struct_na_base_pair.j_label_comp_id 
_ndb_struct_na_base_pair.j_label_seq_id 
_ndb_struct_na_base_pair.j_symmetry 
_ndb_struct_na_base_pair.shear 
_ndb_struct_na_base_pair.stretch 
_ndb_struct_na_base_pair.stagger 
_ndb_struct_na_base_pair.buckle 
_ndb_struct_na_base_pair.propeller 
_ndb_struct_na_base_pair.opening 
_ndb_struct_na_base_pair.pair_number 
_ndb_struct_na_base_pair.pair_name 
_ndb_struct_na_base_pair.i_auth_asym_id 
_ndb_struct_na_base_pair.i_auth_seq_id 
_ndb_struct_na_base_pair.i_PDB_ins_code 
_ndb_struct_na_base_pair.j_auth_asym_id 
_ndb_struct_na_base_pair.j_auth_seq_id 
_ndb_struct_na_base_pair.j_PDB_ins_code 
_ndb_struct_na_base_pair.hbond_type_28 
_ndb_struct_na_base_pair.hbond_type_12 
1 A DG  1  1_555 B C 10 1_555 -0.001 -0.118 0.068  -3.689  -15.806 -1.221 1  A_DG1:C20_B  A 1  ? B 20 ? 19 1 
1 A DC  2  1_555 B G 9  1_555 0.349  -0.169 0.212  -4.601  -7.025  -2.376 2  A_DC2:G19_B  A 2  ? B 19 ? 19 1 
1 A DT  3  1_555 B A 8  1_555 -0.399 -0.044 0.286  3.262   -4.037  -2.052 3  A_DT3:A18_B  A 3  ? B 18 ? 20 1 
1 A DA  4  1_555 B U 7  1_555 0.185  -0.158 0.399  9.530   -11.483 -2.865 4  A_DA4:U17_B  A 4  ? B 17 ? 20 1 
1 A DT  5  1_555 B A 6  1_555 -0.327 -0.089 -0.039 11.807  -21.481 -3.505 5  A_DT5:A16_B  A 5  ? B 16 ? 20 1 
1 A DA  6  1_555 B U 5  1_555 0.209  -0.117 -0.552 4.214   -16.615 -5.491 6  A_DA6:U15_B  A 6  ? B 15 ? 20 1 
1 A DA  7  1_555 B U 4  1_555 0.303  -0.085 0.027  0.726   -25.069 -6.868 7  A_DA7:U14_B  A 7  ? B 14 ? 20 1 
1 A PST 8  1_555 B A 3  1_555 -0.218 -0.035 -0.128 11.397  -21.863 -6.744 8  A_PST8:A13_B A 8  ? B 13 ? 20 1 
1 A DG  9  1_555 B C 2  1_555 -0.099 -0.154 0.388  -2.083  -18.964 -4.127 9  A_DG9:C12_B  A 9  ? B 12 ? 19 1 
1 A DG  10 1_555 B C 1  1_555 -0.317 -0.251 0.205  -10.690 -30.466 -3.993 10 A_DG10:C11_B A 10 ? B 11 ? 19 1 
# 
loop_
_ndb_struct_na_base_pair_step.model_number 
_ndb_struct_na_base_pair_step.i_label_asym_id_1 
_ndb_struct_na_base_pair_step.i_label_comp_id_1 
_ndb_struct_na_base_pair_step.i_label_seq_id_1 
_ndb_struct_na_base_pair_step.i_symmetry_1 
_ndb_struct_na_base_pair_step.j_label_asym_id_1 
_ndb_struct_na_base_pair_step.j_label_comp_id_1 
_ndb_struct_na_base_pair_step.j_label_seq_id_1 
_ndb_struct_na_base_pair_step.j_symmetry_1 
_ndb_struct_na_base_pair_step.i_label_asym_id_2 
_ndb_struct_na_base_pair_step.i_label_comp_id_2 
_ndb_struct_na_base_pair_step.i_label_seq_id_2 
_ndb_struct_na_base_pair_step.i_symmetry_2 
_ndb_struct_na_base_pair_step.j_label_asym_id_2 
_ndb_struct_na_base_pair_step.j_label_comp_id_2 
_ndb_struct_na_base_pair_step.j_label_seq_id_2 
_ndb_struct_na_base_pair_step.j_symmetry_2 
_ndb_struct_na_base_pair_step.shift 
_ndb_struct_na_base_pair_step.slide 
_ndb_struct_na_base_pair_step.rise 
_ndb_struct_na_base_pair_step.tilt 
_ndb_struct_na_base_pair_step.roll 
_ndb_struct_na_base_pair_step.twist 
_ndb_struct_na_base_pair_step.x_displacement 
_ndb_struct_na_base_pair_step.y_displacement 
_ndb_struct_na_base_pair_step.helical_rise 
_ndb_struct_na_base_pair_step.inclination 
_ndb_struct_na_base_pair_step.tip 
_ndb_struct_na_base_pair_step.helical_twist 
_ndb_struct_na_base_pair_step.step_number 
_ndb_struct_na_base_pair_step.step_name 
_ndb_struct_na_base_pair_step.i_auth_asym_id_1 
_ndb_struct_na_base_pair_step.i_auth_seq_id_1 
_ndb_struct_na_base_pair_step.i_PDB_ins_code_1 
_ndb_struct_na_base_pair_step.j_auth_asym_id_1 
_ndb_struct_na_base_pair_step.j_auth_seq_id_1 
_ndb_struct_na_base_pair_step.j_PDB_ins_code_1 
_ndb_struct_na_base_pair_step.i_auth_asym_id_2 
_ndb_struct_na_base_pair_step.i_auth_seq_id_2 
_ndb_struct_na_base_pair_step.i_PDB_ins_code_2 
_ndb_struct_na_base_pair_step.j_auth_asym_id_2 
_ndb_struct_na_base_pair_step.j_auth_seq_id_2 
_ndb_struct_na_base_pair_step.j_PDB_ins_code_2 
1 A DG  1 1_555 B C 10 1_555 A DC  2  1_555 B G 9 1_555 -0.564 -1.525 3.123 -2.734 5.826  37.079 -3.066 0.546  2.892 9.077  4.260 
37.614 1 AA_DG1DC2:G19C20_BB  A 1 ? B 20 ? A 2  ? B 19 ? 
1 A DC  2 1_555 B G 9  1_555 A DT  3  1_555 B A 8 1_555 -0.451 -1.438 2.876 -2.438 0.919  24.945 -3.549 0.405  2.852 2.119  5.625 
25.079 2 AA_DC2DT3:A18G19_BB  A 2 ? B 19 ? A 3  ? B 18 ? 
1 A DT  3 1_555 B A 8  1_555 A DA  4  1_555 B U 7 1_555 -0.024 -1.565 2.719 -1.537 7.879  37.829 -3.126 -0.112 2.357 11.987 2.339 
38.641 3 AA_DT3DA4:U17A18_BB  A 3 ? B 18 ? A 4  ? B 17 ? 
1 A DA  4 1_555 B U 7  1_555 A DT  5  1_555 B A 6 1_555 0.201  -1.332 3.168 2.590  -0.159 34.296 -2.228 0.053  3.180 -0.269 -4.384 
34.391 4 AA_DA4DT5:A16U17_BB  A 4 ? B 17 ? A 5  ? B 16 ? 
1 A DT  5 1_555 B A 6  1_555 A DA  6  1_555 B U 5 1_555 -0.136 -1.155 3.491 8.572  25.310 31.846 -4.243 1.076  1.996 38.725 
-13.115 41.348 5 AA_DT5DA6:U15A16_BB  A 5 ? B 16 ? A 6  ? B 15 ? 
1 A DA  6 1_555 B U 5  1_555 A DA  7  1_555 B U 4 1_555 0.085  -0.880 3.076 -6.461 6.848  33.899 -2.392 -1.023 2.788 11.473 10.824 
35.145 6 AA_DA6DA7:U14U15_BB  A 6 ? B 15 ? A 7  ? B 14 ? 
1 A DA  7 1_555 B U 4  1_555 A PST 8  1_555 B A 3 1_555 -0.549 -0.202 2.897 1.007  -1.669 35.014 -0.114 1.044  2.887 -2.772 -1.671 
35.066 7 AA_DA7PST8:A13U14_BB A 7 ? B 14 ? A 8  ? B 13 ? 
1 A PST 8 1_555 B A 3  1_555 A DG  9  1_555 B C 2 1_555 0.092  -1.223 3.360 -3.007 12.624 33.130 -3.782 -0.575 2.711 21.156 5.039 
35.515 8 AA_PST8DG9:C12A13_BB A 8 ? B 13 ? A 9  ? B 12 ? 
1 A DG  9 1_555 B C 2  1_555 A DG  10 1_555 B C 1 1_555 0.109  -1.029 3.404 1.788  6.867  31.272 -3.112 0.128  3.114 12.537 -3.265 
32.048 9 AA_DG9DG10:C11C12_BB A 9 ? B 12 ? A 10 ? B 11 ? 
# 
_atom_sites.entry_id                    219D 
_atom_sites.fract_transf_matrix[1][1]   1.000000 
_atom_sites.fract_transf_matrix[1][2]   0.000000 
_atom_sites.fract_transf_matrix[1][3]   0.000000 
_atom_sites.fract_transf_matrix[2][1]   0.000000 
_atom_sites.fract_transf_matrix[2][2]   1.000000 
_atom_sites.fract_transf_matrix[2][3]   0.000000 
_atom_sites.fract_transf_matrix[3][1]   0.000000 
_atom_sites.fract_transf_matrix[3][2]   0.000000 
_atom_sites.fract_transf_matrix[3][3]   1.000000 
_atom_sites.fract_transf_vector[1]      0.00000 
_atom_sites.fract_transf_vector[2]      0.00000 
_atom_sites.fract_transf_vector[3]      0.00000 
# 
loop_
_atom_type.symbol 
C 
N 
O 
P 
S 
# 
loop_
_atom_site.group_PDB 
_atom_site.id 
_atom_site.type_symbol 
_atom_site.label_atom_id 
_atom_site.label_alt_id 
_atom_site.label_comp_id 
_atom_site.label_asym_id 
_atom_site.label_entity_id 
_atom_site.label_seq_id 
_atom_site.pdbx_PDB_ins_code 
_atom_site.Cartn_x 
_atom_site.Cartn_y 
_atom_site.Cartn_z 
_atom_site.occupancy 
_atom_site.B_iso_or_equiv 
_atom_site.pdbx_formal_charge 
_atom_site.auth_seq_id 
_atom_site.auth_comp_id 
_atom_site.auth_asym_id 
_atom_site.auth_atom_id 
_atom_site.pdbx_PDB_model_num 
ATOM   1   O "O5'" . DG  A 1 1  ? 0.295   -5.539  -15.254 1.00 4.40 ? 1  DG  A "O5'" 1 
ATOM   2   C "C5'" . DG  A 1 1  ? 0.285   -5.705  -13.854 1.00 4.40 ? 1  DG  A "C5'" 1 
ATOM   3   C "C4'" . DG  A 1 1  ? 1.710   -5.901  -13.339 1.00 4.40 ? 1  DG  A "C4'" 1 
ATOM   4   O "O4'" . DG  A 1 1  ? 2.535   -4.783  -13.572 1.00 4.40 ? 1  DG  A "O4'" 1 
ATOM   5   C "C3'" . DG  A 1 1  ? 1.765   -6.074  -11.826 1.00 4.40 ? 1  DG  A "C3'" 1 
ATOM   6   O "O3'" . DG  A 1 1  ? 1.211   -7.297  -11.403 1.00 4.40 ? 1  DG  A "O3'" 1 
ATOM   7   C "C2'" . DG  A 1 1  ? 3.259   -6.010  -11.692 1.00 4.40 ? 1  DG  A "C2'" 1 
ATOM   8   C "C1'" . DG  A 1 1  ? 3.623   -4.925  -12.669 1.00 4.40 ? 1  DG  A "C1'" 1 
ATOM   9   N N9    . DG  A 1 1  ? 4.045   -3.643  -12.068 1.00 4.40 ? 1  DG  A N9    1 
ATOM   10  C C8    . DG  A 1 1  ? 3.458   -2.415  -12.178 1.00 4.40 ? 1  DG  A C8    1 
ATOM   11  N N7    . DG  A 1 1  ? 4.125   -1.441  -11.619 1.00 4.40 ? 1  DG  A N7    1 
ATOM   12  C C5    . DG  A 1 1  ? 5.269   -2.075  -11.129 1.00 4.40 ? 1  DG  A C5    1 
ATOM   13  C C6    . DG  A 1 1  ? 6.415   -1.550  -10.459 1.00 4.40 ? 1  DG  A C6    1 
ATOM   14  O O6    . DG  A 1 1  ? 6.659   -0.372  -10.203 1.00 4.40 ? 1  DG  A O6    1 
ATOM   15  N N1    . DG  A 1 1  ? 7.297   -2.540  -10.057 1.00 4.40 ? 1  DG  A N1    1 
ATOM   16  C C2    . DG  A 1 1  ? 7.137   -3.876  -10.314 1.00 4.40 ? 1  DG  A C2    1 
ATOM   17  N N2    . DG  A 1 1  ? 8.005   -4.741  -9.809  1.00 4.40 ? 1  DG  A N2    1 
ATOM   18  N N3    . DG  A 1 1  ? 6.108   -4.371  -11.004 1.00 4.40 ? 1  DG  A N3    1 
ATOM   19  C C4    . DG  A 1 1  ? 5.212   -3.423  -11.378 1.00 4.40 ? 1  DG  A C4    1 
ATOM   20  P P     . DC  A 1 2  ? 0.794   -7.503  -9.872  1.00 4.40 ? 2  DC  A P     1 
ATOM   21  O OP1   . DC  A 1 2  ? 0.096   -8.800  -9.778  1.00 4.40 ? 2  DC  A OP1   1 
ATOM   22  O OP2   . DC  A 1 2  ? 0.095   -6.272  -9.442  1.00 4.40 ? 2  DC  A OP2   1 
ATOM   23  O "O5'" . DC  A 1 2  ? 2.195   -7.607  -9.094  1.00 4.40 ? 2  DC  A "O5'" 1 
ATOM   24  C "C5'" . DC  A 1 2  ? 3.066   -8.719  -9.263  1.00 4.40 ? 2  DC  A "C5'" 1 
ATOM   25  C "C4'" . DC  A 1 2  ? 4.335   -8.594  -8.402  1.00 4.40 ? 2  DC  A "C4'" 1 
ATOM   26  O "O4'" . DC  A 1 2  ? 4.975   -7.372  -8.693  1.00 4.40 ? 2  DC  A "O4'" 1 
ATOM   27  C "C3'" . DC  A 1 2  ? 4.012   -8.596  -6.908  1.00 4.40 ? 2  DC  A "C3'" 1 
ATOM   28  O "O3'" . DC  A 1 2  ? 4.236   -9.887  -6.372  1.00 4.40 ? 2  DC  A "O3'" 1 
ATOM   29  C "C2'" . DC  A 1 2  ? 4.995   -7.570  -6.295  1.00 4.40 ? 2  DC  A "C2'" 1 
ATOM   30  C "C1'" . DC  A 1 2  ? 5.508   -6.810  -7.501  1.00 4.40 ? 2  DC  A "C1'" 1 
ATOM   31  N N1    . DC  A 1 2  ? 5.359   -5.347  -7.463  1.00 4.40 ? 2  DC  A N1    1 
ATOM   32  C C2    . DC  A 1 2  ? 6.320   -4.526  -6.881  1.00 4.40 ? 2  DC  A C2    1 
ATOM   33  O O2    . DC  A 1 2  ? 7.280   -4.982  -6.270  1.00 4.40 ? 2  DC  A O2    1 
ATOM   34  N N3    . DC  A 1 2  ? 6.160   -3.173  -6.975  1.00 4.40 ? 2  DC  A N3    1 
ATOM   35  C C4    . DC  A 1 2  ? 5.128   -2.659  -7.644  1.00 4.40 ? 2  DC  A C4    1 
ATOM   36  N N4    . DC  A 1 2  ? 5.037   -1.343  -7.752  1.00 4.40 ? 2  DC  A N4    1 
ATOM   37  C C5    . DC  A 1 2  ? 4.149   -3.492  -8.275  1.00 4.40 ? 2  DC  A C5    1 
ATOM   38  C C6    . DC  A 1 2  ? 4.320   -4.818  -8.143  1.00 4.40 ? 2  DC  A C6    1 
ATOM   39  P P     . DT  A 1 3  ? 3.945   -10.263 -4.835  1.00 4.40 ? 3  DT  A P     1 
ATOM   40  O OP1   . DT  A 1 3  ? 4.366   -11.669 -4.651  1.00 4.40 ? 3  DT  A OP1   1 
ATOM   41  O OP2   . DT  A 1 3  ? 2.529   -9.926  -4.554  1.00 4.40 ? 3  DT  A OP2   1 
ATOM   42  O "O5'" . DT  A 1 3  ? 4.872   -9.315  -3.915  1.00 4.40 ? 3  DT  A "O5'" 1 
ATOM   43  C "C5'" . DT  A 1 3  ? 6.255   -9.569  -3.687  1.00 4.40 ? 3  DT  A "C5'" 1 
ATOM   44  C "C4'" . DT  A 1 3  ? 6.899   -8.493  -2.785  1.00 4.40 ? 3  DT  A "C4'" 1 
ATOM   45  O "O4'" . DT  A 1 3  ? 6.965   -7.232  -3.423  1.00 4.40 ? 3  DT  A "O4'" 1 
ATOM   46  C "C3'" . DT  A 1 3  ? 6.173   -8.310  -1.446  1.00 4.40 ? 3  DT  A "C3'" 1 
ATOM   47  O "O3'" . DT  A 1 3  ? 7.051   -8.593  -0.359  1.00 4.40 ? 3  DT  A "O3'" 1 
ATOM   48  C "C2'" . DT  A 1 3  ? 5.826   -6.831  -1.476  1.00 4.40 ? 3  DT  A "C2'" 1 
ATOM   49  C "C1'" . DT  A 1 3  ? 6.902   -6.234  -2.416  1.00 4.40 ? 3  DT  A "C1'" 1 
ATOM   50  N N1    . DT  A 1 3  ? 6.389   -4.980  -3.020  1.00 4.40 ? 3  DT  A N1    1 
ATOM   51  C C2    . DT  A 1 3  ? 6.963   -3.740  -2.737  1.00 4.40 ? 3  DT  A C2    1 
ATOM   52  O O2    . DT  A 1 3  ? 7.961   -3.608  -2.035  1.00 4.40 ? 3  DT  A O2    1 
ATOM   53  N N3    . DT  A 1 3  ? 6.343   -2.637  -3.297  1.00 4.40 ? 3  DT  A N3    1 
ATOM   54  C C4    . DT  A 1 3  ? 5.160   -2.649  -3.993  1.00 4.40 ? 3  DT  A C4    1 
ATOM   55  O O4    . DT  A 1 3  ? 4.629   -1.600  -4.350  1.00 4.40 ? 3  DT  A O4    1 
ATOM   56  C C5    . DT  A 1 3  ? 4.633   -3.977  -4.259  1.00 4.40 ? 3  DT  A C5    1 
ATOM   57  C C7    . DT  A 1 3  ? 3.324   -4.160  -4.992  1.00 4.40 ? 3  DT  A C7    1 
ATOM   58  C C6    . DT  A 1 3  ? 5.267   -5.069  -3.783  1.00 4.40 ? 3  DT  A C6    1 
ATOM   59  P P     . DA  A 1 4  ? 6.578   -8.550  1.188   1.00 4.40 ? 4  DA  A P     1 
ATOM   60  O OP1   . DA  A 1 4  ? 7.530   -9.389  1.945   1.00 4.40 ? 4  DA  A OP1   1 
ATOM   61  O OP2   . DA  A 1 4  ? 5.145   -8.929  1.218   1.00 4.40 ? 4  DA  A OP2   1 
ATOM   62  O "O5'" . DA  A 1 4  ? 6.706   -7.021  1.740   1.00 4.40 ? 4  DA  A "O5'" 1 
ATOM   63  C "C5'" . DA  A 1 4  ? 7.894   -6.570  2.379   1.00 4.40 ? 4  DA  A "C5'" 1 
ATOM   64  C "C4'" . DA  A 1 4  ? 7.974   -5.060  2.718   1.00 4.40 ? 4  DA  A "C4'" 1 
ATOM   65  O "O4'" . DA  A 1 4  ? 7.966   -4.258  1.541   1.00 4.40 ? 4  DA  A "O4'" 1 
ATOM   66  C "C3'" . DA  A 1 4  ? 6.925   -4.478  3.698   1.00 4.40 ? 4  DA  A "C3'" 1 
ATOM   67  O "O3'" . DA  A 1 4  ? 7.397   -4.449  5.048   1.00 4.40 ? 4  DA  A "O3'" 1 
ATOM   68  C "C2'" . DA  A 1 4  ? 6.838   -3.052  3.165   1.00 4.40 ? 4  DA  A "C2'" 1 
ATOM   69  C "C1'" . DA  A 1 4  ? 7.529   -2.934  1.835   1.00 4.40 ? 4  DA  A "C1'" 1 
ATOM   70  N N9    . DA  A 1 4  ? 6.589   -2.439  0.805   1.00 4.40 ? 4  DA  A N9    1 
ATOM   71  C C8    . DA  A 1 4  ? 5.572   -3.147  0.254   1.00 4.40 ? 4  DA  A C8    1 
ATOM   72  N N7    . DA  A 1 4  ? 4.770   -2.495  -0.539  1.00 4.40 ? 4  DA  A N7    1 
ATOM   73  C C5    . DA  A 1 4  ? 5.297   -1.212  -0.466  1.00 4.40 ? 4  DA  A C5    1 
ATOM   74  C C6    . DA  A 1 4  ? 4.888   0.005   -1.023  1.00 4.40 ? 4  DA  A C6    1 
ATOM   75  N N6    . DA  A 1 4  ? 3.882   0.094   -1.888  1.00 4.40 ? 4  DA  A N6    1 
ATOM   76  N N1    . DA  A 1 4  ? 5.496   1.126   -0.628  1.00 4.40 ? 4  DA  A N1    1 
ATOM   77  C C2    . DA  A 1 4  ? 6.492   1.060   0.242   1.00 4.40 ? 4  DA  A C2    1 
ATOM   78  N N3    . DA  A 1 4  ? 6.994   -0.020  0.826   1.00 4.40 ? 4  DA  A N3    1 
ATOM   79  C C4    . DA  A 1 4  ? 6.362   -1.145  0.401   1.00 4.40 ? 4  DA  A C4    1 
ATOM   80  P P     . DT  A 1 5  ? 6.530   -3.854  6.289   1.00 4.40 ? 5  DT  A P     1 
ATOM   81  O OP1   . DT  A 1 5  ? 7.248   -4.198  7.541   1.00 4.40 ? 5  DT  A OP1   1 
ATOM   82  O OP2   . DT  A 1 5  ? 5.125   -4.302  6.138   1.00 4.40 ? 5  DT  A OP2   1 
ATOM   83  O "O5'" . DT  A 1 5  ? 6.541   -2.238  6.167   1.00 4.40 ? 5  DT  A "O5'" 1 
ATOM   84  C "C5'" . DT  A 1 5  ? 7.723   -1.479  6.377   1.00 4.40 ? 5  DT  A "C5'" 1 
ATOM   85  C "C4'" . DT  A 1 5  ? 7.527   0.023   6.082   1.00 4.40 ? 5  DT  A "C4'" 1 
ATOM   86  O "O4'" . DT  A 1 5  ? 7.107   0.164   4.749   1.00 4.40 ? 5  DT  A "O4'" 1 
ATOM   87  C "C3'" . DT  A 1 5  ? 6.515   0.708   7.013   1.00 4.40 ? 5  DT  A "C3'" 1 
ATOM   88  O "O3'" . DT  A 1 5  ? 7.130   1.762   7.749   1.00 4.40 ? 5  DT  A "O3'" 1 
ATOM   89  C "C2'" . DT  A 1 5  ? 5.500   1.285   6.019   1.00 4.40 ? 5  DT  A "C2'" 1 
ATOM   90  C "C1'" . DT  A 1 5  ? 6.197   1.234   4.665   1.00 4.40 ? 5  DT  A "C1'" 1 
ATOM   91  N N1    . DT  A 1 5  ? 5.188   0.885   3.638   1.00 4.40 ? 5  DT  A N1    1 
ATOM   92  C C2    . DT  A 1 5  ? 4.616   1.860   2.828   1.00 4.40 ? 5  DT  A C2    1 
ATOM   93  O O2    . DT  A 1 5  ? 4.959   3.038   2.861   1.00 4.40 ? 5  DT  A O2    1 
ATOM   94  N N3    . DT  A 1 5  ? 3.595   1.435   2.000   1.00 4.40 ? 5  DT  A N3    1 
ATOM   95  C C4    . DT  A 1 5  ? 3.074   0.160   1.944   1.00 4.40 ? 5  DT  A C4    1 
ATOM   96  O O4    . DT  A 1 5  ? 2.206   -0.133  1.129   1.00 4.40 ? 5  DT  A O4    1 
ATOM   97  C C5    . DT  A 1 5  ? 3.633   -0.756  2.915   1.00 4.40 ? 5  DT  A C5    1 
ATOM   98  C C7    . DT  A 1 5  ? 3.041   -2.128  3.129   1.00 4.40 ? 5  DT  A C7    1 
ATOM   99  C C6    . DT  A 1 5  ? 4.656   -0.370  3.697   1.00 4.40 ? 5  DT  A C6    1 
ATOM   100 P P     . DA  A 1 6  ? 6.472   2.383   9.087   1.00 4.40 ? 6  DA  A P     1 
ATOM   101 O OP1   . DA  A 1 6  ? 7.344   3.505   9.510   1.00 4.40 ? 6  DA  A OP1   1 
ATOM   102 O OP2   . DA  A 1 6  ? 6.246   1.278   10.043  1.00 4.40 ? 6  DA  A OP2   1 
ATOM   103 O "O5'" . DA  A 1 6  ? 5.037   2.997   8.665   1.00 4.40 ? 6  DA  A "O5'" 1 
ATOM   104 C "C5'" . DA  A 1 6  ? 4.929   4.321   8.158   1.00 4.40 ? 6  DA  A "C5'" 1 
ATOM   105 C "C4'" . DA  A 1 6  ? 3.504   4.768   7.756   1.00 4.40 ? 6  DA  A "C4'" 1 
ATOM   106 O "O4'" . DA  A 1 6  ? 3.050   4.147   6.553   1.00 4.40 ? 6  DA  A "O4'" 1 
ATOM   107 C "C3'" . DA  A 1 6  ? 2.405   4.544   8.809   1.00 4.40 ? 6  DA  A "C3'" 1 
ATOM   108 O "O3'" . DA  A 1 6  ? 1.972   5.823   9.276   1.00 4.40 ? 6  DA  A "O3'" 1 
ATOM   109 C "C2'" . DA  A 1 6  ? 1.329   3.799   8.026   1.00 4.40 ? 6  DA  A "C2'" 1 
ATOM   110 C "C1'" . DA  A 1 6  ? 1.623   4.124   6.551   1.00 4.40 ? 6  DA  A "C1'" 1 
ATOM   111 N N9    . DA  A 1 6  ? 1.122   3.112   5.587   1.00 4.40 ? 6  DA  A N9    1 
ATOM   112 C C8    . DA  A 1 6  ? 1.243   1.756   5.676   1.00 4.40 ? 6  DA  A C8    1 
ATOM   113 N N7    . DA  A 1 6  ? 0.898   1.085   4.614   1.00 4.40 ? 6  DA  A N7    1 
ATOM   114 C C5    . DA  A 1 6  ? 0.410   2.090   3.782   1.00 4.40 ? 6  DA  A C5    1 
ATOM   115 C C6    . DA  A 1 6  ? -0.228  2.054   2.535   1.00 4.40 ? 6  DA  A C6    1 
ATOM   116 N N6    . DA  A 1 6  ? -0.387  0.908   1.884   1.00 4.40 ? 6  DA  A N6    1 
ATOM   117 N N1    . DA  A 1 6  ? -0.765  3.173   2.035   1.00 4.40 ? 6  DA  A N1    1 
ATOM   118 C C2    . DA  A 1 6  ? -0.623  4.308   2.711   1.00 4.40 ? 6  DA  A C2    1 
ATOM   119 N N3    . DA  A 1 6  ? 0.004   4.490   3.873   1.00 4.40 ? 6  DA  A N3    1 
ATOM   120 C C4    . DA  A 1 6  ? 0.486   3.323   4.378   1.00 4.40 ? 6  DA  A C4    1 
ATOM   121 P P     . DA  A 1 7  ? 0.774   6.037   10.352  1.00 4.40 ? 7  DA  A P     1 
ATOM   122 O OP1   . DA  A 1 7  ? 1.040   7.326   11.026  1.00 4.40 ? 7  DA  A OP1   1 
ATOM   123 O OP2   . DA  A 1 7  ? 0.693   4.802   11.163  1.00 4.40 ? 7  DA  A OP2   1 
ATOM   124 O "O5'" . DA  A 1 7  ? -0.569  6.178   9.461   1.00 4.40 ? 7  DA  A "O5'" 1 
ATOM   125 C "C5'" . DA  A 1 7  ? -0.840  7.376   8.749   1.00 4.40 ? 7  DA  A "C5'" 1 
ATOM   126 C "C4'" . DA  A 1 7  ? -1.826  7.225   7.572   1.00 4.40 ? 7  DA  A "C4'" 1 
ATOM   127 O "O4'" . DA  A 1 7  ? -1.469  6.162   6.670   1.00 4.40 ? 7  DA  A "O4'" 1 
ATOM   128 C "C3'" . DA  A 1 7  ? -3.334  7.186   7.893   1.00 4.40 ? 7  DA  A "C3'" 1 
ATOM   129 O "O3'" . DA  A 1 7  ? -4.138  7.923   6.989   1.00 4.40 ? 7  DA  A "O3'" 1 
ATOM   130 C "C2'" . DA  A 1 7  ? -3.464  5.772   7.421   1.00 4.40 ? 7  DA  A "C2'" 1 
ATOM   131 C "C1'" . DA  A 1 7  ? -2.680  5.625   6.150   1.00 4.40 ? 7  DA  A "C1'" 1 
ATOM   132 N N9    . DA  A 1 7  ? -2.650  4.200   5.743   1.00 4.40 ? 7  DA  A N9    1 
ATOM   133 C C8    . DA  A 1 7  ? -2.169  3.149   6.463   1.00 4.40 ? 7  DA  A C8    1 
ATOM   134 N N7    . DA  A 1 7  ? -2.202  1.988   5.878   1.00 4.40 ? 7  DA  A N7    1 
ATOM   135 C C5    . DA  A 1 7  ? -2.859  2.291   4.695   1.00 4.40 ? 7  DA  A C5    1 
ATOM   136 C C6    . DA  A 1 7  ? -3.250  1.491   3.616   1.00 4.40 ? 7  DA  A C6    1 
ATOM   137 N N6    . DA  A 1 7  ? -2.869  0.221   3.536   1.00 4.40 ? 7  DA  A N6    1 
ATOM   138 N N1    . DA  A 1 7  ? -3.983  2.022   2.635   1.00 4.40 ? 7  DA  A N1    1 
ATOM   139 C C2    . DA  A 1 7  ? -4.293  3.314   2.707   1.00 4.40 ? 7  DA  A C2    1 
ATOM   140 N N3    . DA  A 1 7  ? -3.947  4.190   3.644   1.00 4.40 ? 7  DA  A N3    1 
ATOM   141 C C4    . DA  A 1 7  ? -3.210  3.614   4.626   1.00 4.40 ? 7  DA  A C4    1 
HETATM 142 P P     . PST A 1 8  ? -4.615  9.437   7.222   1.00 4.40 ? 8  PST A P     1 
HETATM 143 O OP1   . PST A 1 8  ? -5.180  9.547   8.589   1.00 4.40 ? 8  PST A OP1   1 
HETATM 144 S SP    . PST A 1 8  ? -3.061  10.751  6.588   1.00 4.40 ? 8  PST A SP    1 
HETATM 145 O "O5'" . PST A 1 8  ? -5.836  9.524   6.165   1.00 4.40 ? 8  PST A "O5'" 1 
HETATM 146 C "C5'" . PST A 1 8  ? -7.144  9.088   6.505   1.00 4.40 ? 8  PST A "C5'" 1 
HETATM 147 C "C4'" . PST A 1 8  ? -7.882  8.271   5.424   1.00 4.40 ? 8  PST A "C4'" 1 
HETATM 148 O "O4'" . PST A 1 8  ? -7.215  7.032   5.239   1.00 4.40 ? 8  PST A "O4'" 1 
HETATM 149 C "C3'" . PST A 1 8  ? -9.307  7.929   5.907   1.00 4.40 ? 8  PST A "C3'" 1 
HETATM 150 O "O3'" . PST A 1 8  ? -10.340 8.430   5.071   1.00 4.40 ? 8  PST A "O3'" 1 
HETATM 151 C "C2'" . PST A 1 8  ? -9.276  6.429   6.025   1.00 4.40 ? 8  PST A "C2'" 1 
HETATM 152 C "C1'" . PST A 1 8  ? -8.183  6.022   5.046   1.00 4.40 ? 8  PST A "C1'" 1 
HETATM 153 N N1    . PST A 1 8  ? -7.599  4.686   5.351   1.00 4.40 ? 8  PST A N1    1 
HETATM 154 C C2    . PST A 1 8  ? -7.604  3.687   4.376   1.00 4.40 ? 8  PST A C2    1 
HETATM 155 O O2    . PST A 1 8  ? -8.189  3.787   3.301   1.00 4.40 ? 8  PST A O2    1 
HETATM 156 N N3    . PST A 1 8  ? -6.945  2.515   4.688   1.00 4.40 ? 8  PST A N3    1 
HETATM 157 C C4    . PST A 1 8  ? -6.361  2.234   5.907   1.00 4.40 ? 8  PST A C4    1 
HETATM 158 O O4    . PST A 1 8  ? -5.759  1.178   6.075   1.00 4.40 ? 8  PST A O4    1 
HETATM 159 C C5    . PST A 1 8  ? -6.472  3.279   6.912   1.00 4.40 ? 8  PST A C5    1 
HETATM 160 C C5M   . PST A 1 8  ? -6.019  2.983   8.343   1.00 4.40 ? 8  PST A C5M   1 
HETATM 161 C C6    . PST A 1 8  ? -7.064  4.457   6.591   1.00 4.40 ? 8  PST A C6    1 
ATOM   162 P P     . DG  A 1 9  ? -11.904 8.332   5.458   1.00 4.40 ? 9  DG  A P     1 
ATOM   163 O OP1   . DG  A 1 9  ? -12.653 9.295   4.621   1.00 4.40 ? 9  DG  A OP1   1 
ATOM   164 O OP2   . DG  A 1 9  ? -12.046 8.429   6.932   1.00 4.40 ? 9  DG  A OP2   1 
ATOM   165 O "O5'" . DG  A 1 9  ? -12.368 6.849   5.015   1.00 4.40 ? 9  DG  A "O5'" 1 
ATOM   166 C "C5'" . DG  A 1 9  ? -12.388 6.490   3.644   1.00 4.40 ? 9  DG  A "C5'" 1 
ATOM   167 C "C4'" . DG  A 1 9  ? -12.651 5.003   3.353   1.00 4.40 ? 9  DG  A "C4'" 1 
ATOM   168 O "O4'" . DG  A 1 9  ? -11.556 4.171   3.721   1.00 4.40 ? 9  DG  A "O4'" 1 
ATOM   169 C "C3'" . DG  A 1 9  ? -13.933 4.384   3.942   1.00 4.40 ? 9  DG  A "C3'" 1 
ATOM   170 O "O3'" . DG  A 1 9  ? -14.852 4.155   2.875   1.00 4.40 ? 9  DG  A "O3'" 1 
ATOM   171 C "C2'" . DG  A 1 9  ? -13.381 3.114   4.599   1.00 4.40 ? 9  DG  A "C2'" 1 
ATOM   172 C "C1'" . DG  A 1 9  ? -12.030 2.849   3.946   1.00 4.40 ? 9  DG  A "C1'" 1 
ATOM   173 N N9    . DG  A 1 9  ? -11.107 2.097   4.828   1.00 4.40 ? 9  DG  A N9    1 
ATOM   174 C C8    . DG  A 1 9  ? -10.540 2.553   5.979   1.00 4.40 ? 9  DG  A C8    1 
ATOM   175 N N7    . DG  A 1 9  ? -9.693  1.738   6.541   1.00 4.40 ? 9  DG  A N7    1 
ATOM   176 C C5    . DG  A 1 9  ? -9.721  0.624   5.703   1.00 4.40 ? 9  DG  A C5    1 
ATOM   177 C C6    . DG  A 1 9  ? -9.039  -0.626  5.809   1.00 4.40 ? 9  DG  A C6    1 
ATOM   178 O O6    . DG  A 1 9  ? -8.220  -0.983  6.656   1.00 4.40 ? 9  DG  A O6    1 
ATOM   179 N N1    . DG  A 1 9  ? -9.416  -1.528  4.831   1.00 4.40 ? 9  DG  A N1    1 
ATOM   180 C C2    . DG  A 1 9  ? -10.309 -1.257  3.831   1.00 4.40 ? 9  DG  A C2    1 
ATOM   181 N N2    . DG  A 1 9  ? -10.586 -2.227  2.969   1.00 4.40 ? 9  DG  A N2    1 
ATOM   182 N N3    . DG  A 1 9  ? -10.959 -0.092  3.713   1.00 4.40 ? 9  DG  A N3    1 
ATOM   183 C C4    . DG  A 1 9  ? -10.613 0.815   4.673   1.00 4.40 ? 9  DG  A C4    1 
ATOM   184 P P     . DG  A 1 10 ? -16.334 3.533   3.051   1.00 4.40 ? 10 DG  A P     1 
ATOM   185 O OP1   . DG  A 1 10 ? -17.113 3.906   1.850   1.00 4.40 ? 10 DG  A OP1   1 
ATOM   186 O OP2   . DG  A 1 10 ? -16.859 3.873   4.390   1.00 4.40 ? 10 DG  A OP2   1 
ATOM   187 O "O5'" . DG  A 1 10 ? -16.068 1.954   2.978   1.00 4.40 ? 10 DG  A "O5'" 1 
ATOM   188 C "C5'" . DG  A 1 10 ? -16.780 1.042   3.788   1.00 4.40 ? 10 DG  A "C5'" 1 
ATOM   189 C "C4'" . DG  A 1 10 ? -16.093 -0.323  3.686   1.00 4.40 ? 10 DG  A "C4'" 1 
ATOM   190 O "O4'" . DG  A 1 10 ? -14.777 -0.236  4.200   1.00 4.40 ? 10 DG  A "O4'" 1 
ATOM   191 C "C3'" . DG  A 1 10 ? -16.784 -1.417  4.505   1.00 4.40 ? 10 DG  A "C3'" 1 
ATOM   192 O "O3'" . DG  A 1 10 ? -17.744 -2.110  3.732   1.00 4.40 ? 10 DG  A "O3'" 1 
ATOM   193 C "C2'" . DG  A 1 10 ? -15.598 -2.334  4.842   1.00 4.40 ? 10 DG  A "C2'" 1 
ATOM   194 C "C1'" . DG  A 1 10 ? -14.317 -1.536  4.517   1.00 4.40 ? 10 DG  A "C1'" 1 
ATOM   195 N N9    . DG  A 1 10 ? -13.393 -1.490  5.669   1.00 4.40 ? 10 DG  A N9    1 
ATOM   196 C C8    . DG  A 1 10 ? -13.239 -0.482  6.576   1.00 4.40 ? 10 DG  A C8    1 
ATOM   197 N N7    . DG  A 1 10 ? -12.368 -0.720  7.513   1.00 4.40 ? 10 DG  A N7    1 
ATOM   198 C C5    . DG  A 1 10 ? -11.872 -1.976  7.179   1.00 4.40 ? 10 DG  A C5    1 
ATOM   199 C C6    . DG  A 1 10 ? -10.871 -2.767  7.814   1.00 4.40 ? 10 DG  A C6    1 
ATOM   200 O O6    . DG  A 1 10 ? -10.219 -2.513  8.824   1.00 4.40 ? 10 DG  A O6    1 
ATOM   201 N N1    . DG  A 1 10 ? -10.676 -3.975  7.176   1.00 4.40 ? 10 DG  A N1    1 
ATOM   202 C C2    . DG  A 1 10 ? -11.320 -4.378  6.042   1.00 4.40 ? 10 DG  A C2    1 
ATOM   203 N N2    . DG  A 1 10 ? -11.039 -5.589  5.570   1.00 4.40 ? 10 DG  A N2    1 
ATOM   204 N N3    . DG  A 1 10 ? -12.276 -3.657  5.443   1.00 4.40 ? 10 DG  A N3    1 
ATOM   205 C C4    . DG  A 1 10 ? -12.491 -2.457  6.051   1.00 4.40 ? 10 DG  A C4    1 
ATOM   206 O "O5'" . C   B 2 1  ? -4.094  -10.845 10.362  1.00 4.40 ? 11 C   B "O5'" 1 
ATOM   207 C "C5'" . C   B 2 1  ? -4.017  -10.258 9.080   1.00 4.40 ? 11 C   B "C5'" 1 
ATOM   208 C "C4'" . C   B 2 1  ? -5.379  -10.263 8.385   1.00 4.40 ? 11 C   B "C4'" 1 
ATOM   209 O "O4'" . C   B 2 1  ? -6.327  -9.449  9.062   1.00 4.40 ? 11 C   B "O4'" 1 
ATOM   210 C "C3'" . C   B 2 1  ? -5.289  -9.735  6.956   1.00 4.40 ? 11 C   B "C3'" 1 
ATOM   211 O "O3'" . C   B 2 1  ? -4.895  -10.781 6.098   1.00 4.40 ? 11 C   B "O3'" 1 
ATOM   212 C "C2'" . C   B 2 1  ? -6.743  -9.373  6.742   1.00 4.40 ? 11 C   B "C2'" 1 
ATOM   213 O "O2'" . C   B 2 1  ? -7.430  -10.565 6.419   1.00 4.40 ? 11 C   B "O2'" 1 
ATOM   214 C "C1'" . C   B 2 1  ? -7.183  -8.851  8.090   1.00 4.40 ? 11 C   B "C1'" 1 
ATOM   215 N N1    . C   B 2 1  ? -7.158  -7.365  8.161   1.00 4.40 ? 11 C   B N1    1 
ATOM   216 C C2    . C   B 2 1  ? -8.303  -6.654  7.812   1.00 4.40 ? 11 C   B C2    1 
ATOM   217 O O2    . C   B 2 1  ? -9.267  -7.187  7.269   1.00 4.40 ? 11 C   B O2    1 
ATOM   218 N N3    . C   B 2 1  ? -8.360  -5.330  8.104   1.00 4.40 ? 11 C   B N3    1 
ATOM   219 C C4    . C   B 2 1  ? -7.323  -4.692  8.637   1.00 4.40 ? 11 C   B C4    1 
ATOM   220 N N4    . C   B 2 1  ? -7.472  -3.414  8.956   1.00 4.40 ? 11 C   B N4    1 
ATOM   221 C C5    . C   B 2 1  ? -6.093  -5.371  8.909   1.00 4.40 ? 11 C   B C5    1 
ATOM   222 C C6    . C   B 2 1  ? -6.072  -6.702  8.659   1.00 4.40 ? 11 C   B C6    1 
ATOM   223 P P     . C   B 2 2  ? -4.053  -10.452 4.796   1.00 4.40 ? 12 C   B P     1 
ATOM   224 O OP1   . C   B 2 2  ? -3.707  -11.727 4.138   1.00 4.40 ? 12 C   B OP1   1 
ATOM   225 O OP2   . C   B 2 2  ? -2.978  -9.526  5.206   1.00 4.40 ? 12 C   B OP2   1 
ATOM   226 O "O5'" . C   B 2 2  ? -5.119  -9.668  3.914   1.00 4.40 ? 12 C   B "O5'" 1 
ATOM   227 C "C5'" . C   B 2 2  ? -6.142  -10.378 3.245   1.00 4.40 ? 12 C   B "C5'" 1 
ATOM   228 C "C4'" . C   B 2 2  ? -7.247  -9.432  2.772   1.00 4.40 ? 12 C   B "C4'" 1 
ATOM   229 O "O4'" . C   B 2 2  ? -7.766  -8.622  3.815   1.00 4.40 ? 12 C   B "O4'" 1 
ATOM   230 C "C3'" . C   B 2 2  ? -6.792  -8.470  1.686   1.00 4.40 ? 12 C   B "C3'" 1 
ATOM   231 O "O3'" . C   B 2 2  ? -6.719  -9.173  0.470   1.00 4.40 ? 12 C   B "O3'" 1 
ATOM   232 C "C2'" . C   B 2 2  ? -7.951  -7.481  1.760   1.00 4.40 ? 12 C   B "C2'" 1 
ATOM   233 O "O2'" . C   B 2 2  ? -9.064  -8.021  1.075   1.00 4.40 ? 12 C   B "O2'" 1 
ATOM   234 C "C1'" . C   B 2 2  ? -8.203  -7.389  3.254   1.00 4.40 ? 12 C   B "C1'" 1 
ATOM   235 N N1    . C   B 2 2  ? -7.587  -6.198  3.902   1.00 4.40 ? 12 C   B N1    1 
ATOM   236 C C2    . C   B 2 2  ? -8.292  -4.993  3.906   1.00 4.40 ? 12 C   B C2    1 
ATOM   237 O O2    . C   B 2 2  ? -9.319  -4.835  3.250   1.00 4.40 ? 12 C   B O2    1 
ATOM   238 N N3    . C   B 2 2  ? -7.836  -3.956  4.666   1.00 4.40 ? 12 C   B N3    1 
ATOM   239 C C4    . C   B 2 2  ? -6.688  -4.070  5.328   1.00 4.40 ? 12 C   B C4    1 
ATOM   240 N N4    . C   B 2 2  ? -6.296  -3.062  6.095   1.00 4.40 ? 12 C   B N4    1 
ATOM   241 C C5    . C   B 2 2  ? -5.917  -5.273  5.308   1.00 4.40 ? 12 C   B C5    1 
ATOM   242 C C6    . C   B 2 2  ? -6.411  -6.303  4.588   1.00 4.40 ? 12 C   B C6    1 
ATOM   243 P P     . A   B 2 3  ? -6.178  -8.449  -0.817  1.00 4.40 ? 13 A   B P     1 
ATOM   244 O OP1   . A   B 2 3  ? -6.033  -9.468  -1.880  1.00 4.40 ? 13 A   B OP1   1 
ATOM   245 O OP2   . A   B 2 3  ? -4.995  -7.661  -0.406  1.00 4.40 ? 13 A   B OP2   1 
ATOM   246 O "O5'" . A   B 2 3  ? -7.411  -7.480  -1.150  1.00 4.40 ? 13 A   B "O5'" 1 
ATOM   247 C "C5'" . A   B 2 3  ? -7.242  -6.343  -1.969  1.00 4.40 ? 13 A   B "C5'" 1 
ATOM   248 C "C4'" . A   B 2 3  ? -8.351  -5.321  -1.688  1.00 4.40 ? 13 A   B "C4'" 1 
ATOM   249 O "O4'" . A   B 2 3  ? -8.529  -5.110  -0.297  1.00 4.40 ? 13 A   B "O4'" 1 
ATOM   250 C "C3'" . A   B 2 3  ? -7.939  -3.973  -2.256  1.00 4.40 ? 13 A   B "C3'" 1 
ATOM   251 O "O3'" . A   B 2 3  ? -8.455  -3.775  -3.559  1.00 4.40 ? 13 A   B "O3'" 1 
ATOM   252 C "C2'" . A   B 2 3  ? -8.537  -2.972  -1.308  1.00 4.40 ? 13 A   B "C2'" 1 
ATOM   253 O "O2'" . A   B 2 3  ? -9.805  -2.575  -1.788  1.00 4.40 ? 13 A   B "O2'" 1 
ATOM   254 C "C1'" . A   B 2 3  ? -8.615  -3.722  -0.013  1.00 4.40 ? 13 A   B "C1'" 1 
ATOM   255 N N9    . A   B 2 3  ? -7.571  -3.238  0.901   1.00 4.40 ? 13 A   B N9    1 
ATOM   256 C C8    . A   B 2 3  ? -6.471  -3.904  1.340   1.00 4.40 ? 13 A   B C8    1 
ATOM   257 N N7    . A   B 2 3  ? -5.804  -3.287  2.281   1.00 4.40 ? 13 A   B N7    1 
ATOM   258 C C5    . A   B 2 3  ? -6.494  -2.076  2.395   1.00 4.40 ? 13 A   B C5    1 
ATOM   259 C C6    . A   B 2 3  ? -6.337  -0.944  3.206   1.00 4.40 ? 13 A   B C6    1 
ATOM   260 N N6    . A   B 2 3  ? -5.458  -0.933  4.197   1.00 4.40 ? 13 A   B N6    1 
ATOM   261 N N1    . A   B 2 3  ? -7.088  0.142   2.990   1.00 4.40 ? 13 A   B N1    1 
ATOM   262 C C2    . A   B 2 3  ? -7.994  0.105   2.019   1.00 4.40 ? 13 A   B C2    1 
ATOM   263 N N3    . A   B 2 3  ? -8.306  -0.922  1.238   1.00 4.40 ? 13 A   B N3    1 
ATOM   264 C C4    . A   B 2 3  ? -7.519  -2.000  1.493   1.00 4.40 ? 13 A   B C4    1 
ATOM   265 P P     . U   B 2 4  ? -7.527  -3.874  -4.842  1.00 4.40 ? 14 U   B P     1 
ATOM   266 O OP1   . U   B 2 4  ? -8.316  -4.393  -5.984  1.00 4.40 ? 14 U   B OP1   1 
ATOM   267 O OP2   . U   B 2 4  ? -6.247  -4.504  -4.492  1.00 4.40 ? 14 U   B OP2   1 
ATOM   268 O "O5'" . U   B 2 4  ? -7.237  -2.340  -5.135  1.00 4.40 ? 14 U   B "O5'" 1 
ATOM   269 C "C5'" . U   B 2 4  ? -8.325  -1.466  -5.364  1.00 4.40 ? 14 U   B "C5'" 1 
ATOM   270 C "C4'" . U   B 2 4  ? -8.325  -0.334  -4.343  1.00 4.40 ? 14 U   B "C4'" 1 
ATOM   271 O "O4'" . U   B 2 4  ? -8.134  -0.745  -3.011  1.00 4.40 ? 14 U   B "O4'" 1 
ATOM   272 C "C3'" . U   B 2 4  ? -7.287  0.722   -4.627  1.00 4.40 ? 14 U   B "C3'" 1 
ATOM   273 O "O3'" . U   B 2 4  ? -7.779  1.465   -5.721  1.00 4.40 ? 14 U   B "O3'" 1 
ATOM   274 C "C2'" . U   B 2 4  ? -7.302  1.438   -3.269  1.00 4.40 ? 14 U   B "C2'" 1 
ATOM   275 O "O2'" . U   B 2 4  ? -8.226  2.500   -3.300  1.00 4.40 ? 14 U   B "O2'" 1 
ATOM   276 C "C1'" . U   B 2 4  ? -7.650  0.358   -2.244  1.00 4.40 ? 14 U   B "C1'" 1 
ATOM   277 N N1    . U   B 2 4  ? -6.449  0.067   -1.427  1.00 4.40 ? 14 U   B N1    1 
ATOM   278 C C2    . U   B 2 4  ? -6.094  0.916   -0.377  1.00 4.40 ? 14 U   B C2    1 
ATOM   279 O O2    . U   B 2 4  ? -6.687  1.961   -0.136  1.00 4.40 ? 14 U   B O2    1 
ATOM   280 N N3    . U   B 2 4  ? -5.029  0.506   0.404   1.00 4.40 ? 14 U   B N3    1 
ATOM   281 C C4    . U   B 2 4  ? -4.270  -0.621  0.200   1.00 4.40 ? 14 U   B C4    1 
ATOM   282 O O4    . U   B 2 4  ? -3.373  -0.940  0.971   1.00 4.40 ? 14 U   B O4    1 
ATOM   283 C C5    . U   B 2 4  ? -4.644  -1.368  -0.973  1.00 4.40 ? 14 U   B C5    1 
ATOM   284 C C6    . U   B 2 4  ? -5.697  -1.011  -1.728  1.00 4.40 ? 14 U   B C6    1 
ATOM   285 P P     . U   B 2 5  ? -6.838  2.451   -6.516  1.00 4.40 ? 15 U   B P     1 
ATOM   286 O OP1   . U   B 2 5  ? -7.534  2.809   -7.764  1.00 4.40 ? 15 U   B OP1   1 
ATOM   287 O OP2   . U   B 2 5  ? -5.494  1.829   -6.576  1.00 4.40 ? 15 U   B OP2   1 
ATOM   288 O "O5'" . U   B 2 5  ? -6.846  3.679   -5.501  1.00 4.40 ? 15 U   B "O5'" 1 
ATOM   289 C "C5'" . U   B 2 5  ? -5.854  4.678   -5.565  1.00 4.40 ? 15 U   B "C5'" 1 
ATOM   290 C "C4'" . U   B 2 5  ? -5.868  5.487   -4.264  1.00 4.40 ? 15 U   B "C4'" 1 
ATOM   291 O "O4'" . U   B 2 5  ? -6.054  4.674   -3.109  1.00 4.40 ? 15 U   B "O4'" 1 
ATOM   292 C "C3'" . U   B 2 5  ? -4.524  6.178   -4.092  1.00 4.40 ? 15 U   B "C3'" 1 
ATOM   293 O "O3'" . U   B 2 5  ? -4.551  7.420   -4.759  1.00 4.40 ? 15 U   B "O3'" 1 
ATOM   294 C "C2'" . U   B 2 5  ? -4.480  6.354   -2.584  1.00 4.40 ? 15 U   B "C2'" 1 
ATOM   295 O "O2'" . U   B 2 5  ? -5.226  7.512   -2.265  1.00 4.40 ? 15 U   B "O2'" 1 
ATOM   296 C "C1'" . U   B 2 5  ? -5.159  5.093   -2.074  1.00 4.40 ? 15 U   B "C1'" 1 
ATOM   297 N N1    . U   B 2 5  ? -4.136  4.060   -1.742  1.00 4.40 ? 15 U   B N1    1 
ATOM   298 C C2    . U   B 2 5  ? -3.468  4.139   -0.520  1.00 4.40 ? 15 U   B C2    1 
ATOM   299 O O2    . U   B 2 5  ? -3.507  5.130   0.202   1.00 4.40 ? 15 U   B O2    1 
ATOM   300 N N3    . U   B 2 5  ? -2.706  3.047   -0.160  1.00 4.40 ? 15 U   B N3    1 
ATOM   301 C C4    . U   B 2 5  ? -2.505  1.928   -0.937  1.00 4.40 ? 15 U   B C4    1 
ATOM   302 O O4    . U   B 2 5  ? -1.736  1.036   -0.602  1.00 4.40 ? 15 U   B O4    1 
ATOM   303 C C5    . U   B 2 5  ? -3.217  1.913   -2.186  1.00 4.40 ? 15 U   B C5    1 
ATOM   304 C C6    . U   B 2 5  ? -3.961  2.981   -2.556  1.00 4.40 ? 15 U   B C6    1 
ATOM   305 P P     . A   B 2 6  ? -3.279  7.953   -5.543  1.00 4.40 ? 16 A   B P     1 
ATOM   306 O OP1   . A   B 2 6  ? -3.636  9.259   -6.137  1.00 4.40 ? 16 A   B OP1   1 
ATOM   307 O OP2   . A   B 2 6  ? -2.769  6.877   -6.421  1.00 4.40 ? 16 A   B OP2   1 
ATOM   308 O "O5'" . A   B 2 6  ? -2.207  8.196   -4.394  1.00 4.40 ? 16 A   B "O5'" 1 
ATOM   309 C "C5'" . A   B 2 6  ? -2.311  9.305   -3.525  1.00 4.40 ? 16 A   B "C5'" 1 
ATOM   310 C "C4'" . A   B 2 6  ? -1.344  9.134   -2.361  1.00 4.40 ? 16 A   B "C4'" 1 
ATOM   311 O "O4'" . A   B 2 6  ? -1.624  7.902   -1.707  1.00 4.40 ? 16 A   B "O4'" 1 
ATOM   312 C "C3'" . A   B 2 6  ? 0.123   9.099   -2.794  1.00 4.40 ? 16 A   B "C3'" 1 
ATOM   313 O "O3'" . A   B 2 6  ? 0.706   10.396  -2.809  1.00 4.40 ? 16 A   B "O3'" 1 
ATOM   314 C "C2'" . A   B 2 6  ? 0.715   8.210   -1.699  1.00 4.40 ? 16 A   B "C2'" 1 
ATOM   315 O "O2'" . A   B 2 6  ? 1.287   9.000   -0.677  1.00 4.40 ? 16 A   B "O2'" 1 
ATOM   316 C "C1'" . A   B 2 6  ? -0.426  7.366   -1.171  1.00 4.40 ? 16 A   B "C1'" 1 
ATOM   317 N N9    . A   B 2 6  ? -0.229  5.930   -1.440  1.00 4.40 ? 16 A   B N9    1 
ATOM   318 C C8    . A   B 2 6  ? -0.808  5.111   -2.360  1.00 4.40 ? 16 A   B C8    1 
ATOM   319 N N7    . A   B 2 6  ? -0.469  3.855   -2.265  1.00 4.40 ? 16 A   B N7    1 
ATOM   320 C C5    . A   B 2 6  ? 0.434   3.856   -1.214  1.00 4.40 ? 16 A   B C5    1 
ATOM   321 C C6    . A   B 2 6  ? 1.198   2.857   -0.593  1.00 4.40 ? 16 A   B C6    1 
ATOM   322 N N6    . A   B 2 6  ? 1.066   1.571   -0.895  1.00 4.40 ? 16 A   B N6    1 
ATOM   323 N N1    . A   B 2 6  ? 2.100   3.200   0.334   1.00 4.40 ? 16 A   B N1    1 
ATOM   324 C C2    . A   B 2 6  ? 2.194   4.476   0.680   1.00 4.40 ? 16 A   B C2    1 
ATOM   325 N N3    . A   B 2 6  ? 1.507   5.510   0.227   1.00 4.40 ? 16 A   B N3    1 
ATOM   326 C C4    . A   B 2 6  ? 0.626   5.122   -0.735  1.00 4.40 ? 16 A   B C4    1 
ATOM   327 P P     . U   B 2 7  ? 2.132   10.642  -3.482  1.00 4.40 ? 17 U   B P     1 
ATOM   328 O OP1   . U   B 2 7  ? 2.266   12.096  -3.700  1.00 4.40 ? 17 U   B OP1   1 
ATOM   329 O OP2   . U   B 2 7  ? 2.249   9.724   -4.634  1.00 4.40 ? 17 U   B OP2   1 
ATOM   330 O "O5'" . U   B 2 7  ? 3.174   10.188  -2.362  1.00 4.40 ? 17 U   B "O5'" 1 
ATOM   331 C "C5'" . U   B 2 7  ? 4.480   9.787   -2.732  1.00 4.40 ? 17 U   B "C5'" 1 
ATOM   332 C "C4'" . U   B 2 7  ? 5.233   9.295   -1.496  1.00 4.40 ? 17 U   B "C4'" 1 
ATOM   333 O "O4'" . U   B 2 7  ? 4.466   8.345   -0.766  1.00 4.40 ? 17 U   B "O4'" 1 
ATOM   334 C "C3'" . U   B 2 7  ? 6.580   8.648   -1.854  1.00 4.40 ? 17 U   B "C3'" 1 
ATOM   335 O "O3'" . U   B 2 7  ? 7.649   9.567   -1.738  1.00 4.40 ? 17 U   B "O3'" 1 
ATOM   336 C "C2'" . U   B 2 7  ? 6.697   7.642   -0.724  1.00 4.40 ? 17 U   B "C2'" 1 
ATOM   337 O "O2'" . U   B 2 7  ? 7.123   8.349   0.429   1.00 4.40 ? 17 U   B "O2'" 1 
ATOM   338 C "C1'" . U   B 2 7  ? 5.263   7.193   -0.533  1.00 4.40 ? 17 U   B "C1'" 1 
ATOM   339 N N1    . U   B 2 7  ? 4.842   6.018   -1.336  1.00 4.40 ? 17 U   B N1    1 
ATOM   340 C C2    . U   B 2 7  ? 5.324   4.777   -0.928  1.00 4.40 ? 17 U   B C2    1 
ATOM   341 O O2    . U   B 2 7  ? 6.174   4.639   -0.052  1.00 4.40 ? 17 U   B O2    1 
ATOM   342 N N3    . U   B 2 7  ? 4.801   3.683   -1.564  1.00 4.40 ? 17 U   B N3    1 
ATOM   343 C C4    . U   B 2 7  ? 3.940   3.699   -2.626  1.00 4.40 ? 17 U   B C4    1 
ATOM   344 O O4    . U   B 2 7  ? 3.648   2.668   -3.221  1.00 4.40 ? 17 U   B O4    1 
ATOM   345 C C5    . U   B 2 7  ? 3.422   5.000   -2.949  1.00 4.40 ? 17 U   B C5    1 
ATOM   346 C C6    . U   B 2 7  ? 3.865   6.102   -2.295  1.00 4.40 ? 17 U   B C6    1 
ATOM   347 P P     . A   B 2 8  ? 9.062   9.274   -2.421  1.00 4.40 ? 18 A   B P     1 
ATOM   348 O OP1   . A   B 2 8  ? 10.018  10.225  -1.820  1.00 4.40 ? 18 A   B OP1   1 
ATOM   349 O OP2   . A   B 2 8  ? 8.857   9.254   -3.884  1.00 4.40 ? 18 A   B OP2   1 
ATOM   350 O "O5'" . A   B 2 8  ? 9.472   7.790   -1.961  1.00 4.40 ? 18 A   B "O5'" 1 
ATOM   351 C "C5'" . A   B 2 8  ? 10.186  7.579   -0.763  1.00 4.40 ? 18 A   B "C5'" 1 
ATOM   352 C "C4'" . A   B 2 8  ? 10.596  6.109   -0.579  1.00 4.40 ? 18 A   B "C4'" 1 
ATOM   353 O "O4'" . A   B 2 8  ? 9.520   5.191   -0.383  1.00 4.40 ? 18 A   B "O4'" 1 
ATOM   354 C "C3'" . A   B 2 8  ? 11.539  5.605   -1.666  1.00 4.40 ? 18 A   B "C3'" 1 
ATOM   355 O "O3'" . A   B 2 8  ? 12.853  5.965   -1.265  1.00 4.40 ? 18 A   B "O3'" 1 
ATOM   356 C "C2'" . A   B 2 8  ? 11.243  4.109   -1.573  1.00 4.40 ? 18 A   B "C2'" 1 
ATOM   357 O "O2'" . A   B 2 8  ? 12.167  3.471   -0.714  1.00 4.40 ? 18 A   B "O2'" 1 
ATOM   358 C "C1'" . A   B 2 8  ? 9.850   3.953   -0.996  1.00 4.40 ? 18 A   B "C1'" 1 
ATOM   359 N N9    . A   B 2 8  ? 8.856   3.614   -2.022  1.00 4.40 ? 18 A   B N9    1 
ATOM   360 C C8    . A   B 2 8  ? 8.026   4.416   -2.732  1.00 4.40 ? 18 A   B C8    1 
ATOM   361 N N7    . A   B 2 8  ? 7.137   3.779   -3.458  1.00 4.40 ? 18 A   B N7    1 
ATOM   362 C C5    . A   B 2 8  ? 7.413   2.440   -3.175  1.00 4.40 ? 18 A   B C5    1 
ATOM   363 C C6    . A   B 2 8  ? 6.836   1.196   -3.523  1.00 4.40 ? 18 A   B C6    1 
ATOM   364 N N6    . A   B 2 8  ? 5.735   1.085   -4.260  1.00 4.40 ? 18 A   B N6    1 
ATOM   365 N N1    . A   B 2 8  ? 7.371   0.062   -3.031  1.00 4.40 ? 18 A   B N1    1 
ATOM   366 C C2    . A   B 2 8  ? 8.432   0.161   -2.235  1.00 4.40 ? 18 A   B C2    1 
ATOM   367 N N3    . A   B 2 8  ? 9.059   1.240   -1.838  1.00 4.40 ? 18 A   B N3    1 
ATOM   368 C C4    . A   B 2 8  ? 8.482   2.347   -2.332  1.00 4.40 ? 18 A   B C4    1 
ATOM   369 P P     . G   B 2 9  ? 14.158  5.713   -2.150  1.00 4.40 ? 19 G   B P     1 
ATOM   370 O OP1   . G   B 2 9  ? 15.340  6.151   -1.375  1.00 4.40 ? 19 G   B OP1   1 
ATOM   371 O OP2   . G   B 2 9  ? 13.950  6.244   -3.510  1.00 4.40 ? 19 G   B OP2   1 
ATOM   372 O "O5'" . G   B 2 9  ? 14.270  4.131   -2.274  1.00 4.40 ? 19 G   B "O5'" 1 
ATOM   373 C "C5'" . G   B 2 9  ? 14.329  3.511   -3.536  1.00 4.40 ? 19 G   B "C5'" 1 
ATOM   374 C "C4'" . G   B 2 9  ? 14.094  2.027   -3.323  1.00 4.40 ? 19 G   B "C4'" 1 
ATOM   375 O "O4'" . G   B 2 9  ? 12.757  1.841   -2.912  1.00 4.40 ? 19 G   B "O4'" 1 
ATOM   376 C "C3'" . G   B 2 9  ? 14.257  1.230   -4.604  1.00 4.40 ? 19 G   B "C3'" 1 
ATOM   377 O "O3'" . G   B 2 9  ? 15.623  0.965   -4.859  1.00 4.40 ? 19 G   B "O3'" 1 
ATOM   378 C "C2'" . G   B 2 9  ? 13.426  0.004   -4.228  1.00 4.40 ? 19 G   B "C2'" 1 
ATOM   379 O "O2'" . G   B 2 9  ? 14.216  -0.869  -3.446  1.00 4.40 ? 19 G   B "O2'" 1 
ATOM   380 C "C1'" . G   B 2 9  ? 12.280  0.614   -3.427  1.00 4.40 ? 19 G   B "C1'" 1 
ATOM   381 N N9    . G   B 2 9  ? 11.113  0.805   -4.312  1.00 4.40 ? 19 G   B N9    1 
ATOM   382 C C8    . G   B 2 9  ? 10.623  1.964   -4.834  1.00 4.40 ? 19 G   B C8    1 
ATOM   383 N N7    . G   B 2 9  ? 9.577   1.831   -5.599  1.00 4.40 ? 19 G   B N7    1 
ATOM   384 C C5    . G   B 2 9  ? 9.322   0.463   -5.541  1.00 4.40 ? 19 G   B C5    1 
ATOM   385 C C6    . G   B 2 9  ? 8.251   -0.302  -6.093  1.00 4.40 ? 19 G   B C6    1 
ATOM   386 O O6    . G   B 2 9  ? 7.331   0.098   -6.807  1.00 4.40 ? 19 G   B O6    1 
ATOM   387 N N1    . G   B 2 9  ? 8.325   -1.640  -5.756  1.00 4.40 ? 19 G   B N1    1 
ATOM   388 C C2    . G   B 2 9  ? 9.311   -2.197  -4.989  1.00 4.40 ? 19 G   B C2    1 
ATOM   389 N N2    . G   B 2 9  ? 9.319   -3.513  -4.830  1.00 4.40 ? 19 G   B N2    1 
ATOM   390 N N3    . G   B 2 9  ? 10.328  -1.498  -4.484  1.00 4.40 ? 19 G   B N3    1 
ATOM   391 C C4    . G   B 2 9  ? 10.261  -0.173  -4.768  1.00 4.40 ? 19 G   B C4    1 
ATOM   392 P P     . C   B 2 10 ? 16.062  0.189   -6.174  1.00 4.40 ? 20 C   B P     1 
ATOM   393 O OP1   . C   B 2 10 ? 17.532  0.289   -6.289  1.00 4.40 ? 20 C   B OP1   1 
ATOM   394 O OP2   . C   B 2 10 ? 15.197  0.649   -7.280  1.00 4.40 ? 20 C   B OP2   1 
ATOM   395 O "O5'" . C   B 2 10 ? 15.676  -1.306  -5.785  1.00 4.40 ? 20 C   B "O5'" 1 
ATOM   396 C "C5'" . C   B 2 10 ? 15.668  -2.345  -6.738  1.00 4.40 ? 20 C   B "C5'" 1 
ATOM   397 C "C4'" . C   B 2 10 ? 14.777  -3.451  -6.169  1.00 4.40 ? 20 C   B "C4'" 1 
ATOM   398 O "O4'" . C   B 2 10 ? 13.488  -2.900  -5.942  1.00 4.40 ? 20 C   B "O4'" 1 
ATOM   399 C "C3'" . C   B 2 10 ? 14.598  -4.609  -7.152  1.00 4.40 ? 20 C   B "C3'" 1 
ATOM   400 O "O3'" . C   B 2 10 ? 14.279  -5.792  -6.446  1.00 4.40 ? 20 C   B "O3'" 1 
ATOM   401 C "C2'" . C   B 2 10 ? 13.399  -4.123  -7.960  1.00 4.40 ? 20 C   B "C2'" 1 
ATOM   402 O "O2'" . C   B 2 10 ? 12.697  -5.158  -8.619  1.00 4.40 ? 20 C   B "O2'" 1 
ATOM   403 C "C1'" . C   B 2 10 ? 12.581  -3.387  -6.917  1.00 4.40 ? 20 C   B "C1'" 1 
ATOM   404 N N1    . C   B 2 10 ? 11.733  -2.337  -7.541  1.00 4.40 ? 20 C   B N1    1 
ATOM   405 C C2    . C   B 2 10 ? 10.556  -2.734  -8.162  1.00 4.40 ? 20 C   B C2    1 
ATOM   406 O O2    . C   B 2 10 ? 10.248  -3.923  -8.229  1.00 4.40 ? 20 C   B O2    1 
ATOM   407 N N3    . C   B 2 10 ? 9.747   -1.799  -8.735  1.00 4.40 ? 20 C   B N3    1 
ATOM   408 C C4    . C   B 2 10 ? 10.106  -0.517  -8.717  1.00 4.40 ? 20 C   B C4    1 
ATOM   409 N N4    . C   B 2 10 ? 9.259   0.383   -9.199  1.00 4.40 ? 20 C   B N4    1 
ATOM   410 C C5    . C   B 2 10 ? 11.358  -0.088  -8.193  1.00 4.40 ? 20 C   B C5    1 
ATOM   411 C C6    . C   B 2 10 ? 12.137  -1.031  -7.613  1.00 4.40 ? 20 C   B C6    1 
# 
